data_3TQS
#
_entry.id   3TQS
#
_cell.length_a   38.007
_cell.length_b   57.895
_cell.length_c   112.938
_cell.angle_alpha   90.000
_cell.angle_beta   90.010
_cell.angle_gamma   104.340
#
_symmetry.space_group_name_H-M   'P 1'
#
loop_
_entity.id
_entity.type
_entity.pdbx_description
1 polymer 'Ribosomal RNA small subunit methyltransferase A'
2 water water
#
_entity_poly.entity_id   1
_entity_poly.type   'polypeptide(L)'
_entity_poly.pdbx_seq_one_letter_code
;(MSE)P(MSE)RKRFGQHFLHDSFVLQKIVSAIHPQKTDTLVEIGPGRGALTDYLLTECDNLALVEIDRDLVAFLQKKYN
QQKNITIYQNDALQFDFSSVKTDKPLRVVGNLPYNISTPLLFHLFSQIHCIED(MSE)HF(MSE)LQKEVVRRITAEVGS
HDYGRLSV(MSE)AQYFCDNTYLFTVSPQAFTPPPRVESAIIRLIPRHNFTPVAKNLDQLSHVVKEAFSYRRKTVGNALK
KLINPSQWPLLEINPQLRPQELTVEDFVKISNILN
;
_entity_poly.pdbx_strand_id   A,B,C,D
#
# COMPACT_ATOMS: atom_id res chain seq x y z
N GLN A 9 1.99 -12.73 -6.54
CA GLN A 9 3.38 -12.97 -6.17
C GLN A 9 3.92 -14.27 -6.73
N HIS A 10 5.09 -14.21 -7.36
CA HIS A 10 5.74 -15.40 -7.91
C HIS A 10 6.98 -15.77 -7.08
N PHE A 11 6.89 -16.89 -6.36
CA PHE A 11 7.98 -17.36 -5.51
C PHE A 11 8.90 -18.28 -6.29
N LEU A 12 10.20 -17.98 -6.25
CA LEU A 12 11.18 -18.83 -6.93
C LEU A 12 11.40 -20.13 -6.15
N HIS A 13 11.35 -21.28 -6.83
CA HIS A 13 11.53 -22.56 -6.14
C HIS A 13 12.59 -23.47 -6.78
N ASP A 14 13.04 -23.11 -7.98
CA ASP A 14 14.00 -23.93 -8.70
C ASP A 14 15.40 -23.76 -8.15
N SER A 15 15.97 -24.85 -7.63
CA SER A 15 17.24 -24.78 -6.92
C SER A 15 18.41 -24.41 -7.83
N PHE A 16 18.34 -24.83 -9.09
CA PHE A 16 19.39 -24.48 -10.05
C PHE A 16 19.43 -22.97 -10.29
N VAL A 17 18.26 -22.38 -10.55
CA VAL A 17 18.16 -20.94 -10.74
C VAL A 17 18.66 -20.22 -9.50
N LEU A 18 18.20 -20.68 -8.33
CA LEU A 18 18.57 -20.05 -7.07
C LEU A 18 20.08 -20.04 -6.89
N GLN A 19 20.72 -21.18 -7.11
CA GLN A 19 22.18 -21.24 -6.99
C GLN A 19 22.85 -20.37 -8.06
N LYS A 20 22.29 -20.33 -9.27
CA LYS A 20 22.85 -19.48 -10.33
C LYS A 20 22.83 -18.00 -9.92
N ILE A 21 21.77 -17.60 -9.23
CA ILE A 21 21.67 -16.25 -8.68
C ILE A 21 22.74 -15.96 -7.61
N VAL A 22 22.94 -16.91 -6.70
CA VAL A 22 23.95 -16.77 -5.67
C VAL A 22 25.34 -16.62 -6.30
N SER A 23 25.59 -17.41 -7.34
CA SER A 23 26.87 -17.36 -8.06
C SER A 23 27.09 -16.01 -8.76
N ALA A 24 26.05 -15.46 -9.37
CA ALA A 24 26.16 -14.15 -10.01
C ALA A 24 26.50 -13.07 -8.99
N ILE A 25 25.78 -13.07 -7.87
CA ILE A 25 26.02 -12.11 -6.80
C ILE A 25 27.40 -12.30 -6.17
N HIS A 26 27.78 -13.57 -5.97
CA HIS A 26 29.00 -13.93 -5.25
C HIS A 26 29.07 -13.21 -3.90
N PRO A 27 28.11 -13.48 -3.01
CA PRO A 27 28.09 -12.79 -1.72
C PRO A 27 29.35 -13.14 -0.94
N GLN A 28 29.90 -12.19 -0.20
CA GLN A 28 31.03 -12.45 0.67
C GLN A 28 30.68 -11.97 2.07
N LYS A 29 31.34 -12.54 3.08
CA LYS A 29 31.05 -12.20 4.46
C LYS A 29 31.49 -10.78 4.81
N THR A 30 32.11 -10.07 3.86
CA THR A 30 32.35 -8.65 4.01
C THR A 30 31.06 -7.87 3.73
N ASP A 31 30.12 -8.52 3.05
CA ASP A 31 28.97 -7.83 2.49
C ASP A 31 27.77 -7.67 3.42
N THR A 32 27.06 -6.56 3.25
CA THR A 32 25.75 -6.39 3.85
C THR A 32 24.76 -6.38 2.69
N LEU A 33 23.79 -7.31 2.72
CA LEU A 33 22.80 -7.37 1.65
C LEU A 33 21.40 -6.95 2.09
N VAL A 34 20.67 -6.33 1.17
CA VAL A 34 19.26 -6.03 1.41
C VAL A 34 18.44 -6.71 0.32
N GLU A 35 17.55 -7.62 0.73
CA GLU A 35 16.73 -8.38 -0.22
C GLU A 35 15.31 -7.83 -0.25
N ILE A 36 14.89 -7.38 -1.41
CA ILE A 36 13.54 -6.89 -1.61
C ILE A 36 12.72 -7.98 -2.28
N GLY A 37 11.56 -8.30 -1.70
CA GLY A 37 10.71 -9.35 -2.22
C GLY A 37 11.28 -10.74 -1.97
N PRO A 38 11.56 -11.06 -0.70
CA PRO A 38 12.20 -12.33 -0.31
C PRO A 38 11.28 -13.56 -0.48
N GLY A 39 9.98 -13.33 -0.63
CA GLY A 39 9.02 -14.42 -0.76
C GLY A 39 9.04 -15.31 0.47
N ARG A 40 9.24 -16.61 0.26
CA ARG A 40 9.35 -17.55 1.37
C ARG A 40 10.78 -17.60 1.92
N GLY A 41 11.69 -16.89 1.26
CA GLY A 41 13.09 -16.95 1.66
C GLY A 41 13.84 -18.04 0.91
N ALA A 42 13.40 -18.37 -0.30
CA ALA A 42 14.07 -19.40 -1.07
C ALA A 42 15.50 -19.00 -1.38
N LEU A 43 15.71 -17.74 -1.75
CA LEU A 43 17.05 -17.23 -2.02
C LEU A 43 17.74 -16.87 -0.72
N THR A 44 16.98 -16.28 0.19
CA THR A 44 17.46 -15.92 1.51
C THR A 44 18.20 -17.09 2.18
N ASP A 45 17.69 -18.30 2.03
CA ASP A 45 18.31 -19.44 2.69
C ASP A 45 19.70 -19.76 2.17
N TYR A 46 19.96 -19.40 0.91
CA TYR A 46 21.29 -19.53 0.34
C TYR A 46 22.19 -18.39 0.81
N LEU A 47 21.64 -17.18 0.84
CA LEU A 47 22.41 -15.98 1.12
C LEU A 47 22.88 -15.85 2.57
N LEU A 48 22.08 -16.31 3.52
CA LEU A 48 22.36 -16.01 4.92
C LEU A 48 23.65 -16.62 5.42
N THR A 49 24.11 -17.65 4.72
CA THR A 49 25.34 -18.29 5.12
C THR A 49 26.59 -17.63 4.46
N GLU A 50 26.35 -16.71 3.53
CA GLU A 50 27.42 -16.14 2.70
C GLU A 50 27.78 -14.67 2.98
N CYS A 51 27.05 -14.00 3.85
CA CYS A 51 27.28 -12.58 4.08
C CYS A 51 27.26 -12.19 5.56
N ASP A 52 27.64 -10.95 5.85
CA ASP A 52 27.71 -10.47 7.23
C ASP A 52 26.32 -10.21 7.84
N ASN A 53 25.49 -9.47 7.10
CA ASN A 53 24.14 -9.15 7.52
C ASN A 53 23.23 -9.13 6.31
N LEU A 54 22.00 -9.57 6.51
CA LEU A 54 21.04 -9.62 5.43
C LEU A 54 19.74 -9.04 5.96
N ALA A 55 19.32 -7.93 5.37
CA ALA A 55 18.07 -7.28 5.75
C ALA A 55 17.02 -7.59 4.70
N LEU A 56 15.83 -7.98 5.13
CA LEU A 56 14.74 -8.26 4.22
C LEU A 56 13.74 -7.11 4.28
N VAL A 57 13.31 -6.63 3.11
CA VAL A 57 12.29 -5.59 3.04
C VAL A 57 11.04 -6.08 2.33
N GLU A 58 9.90 -6.00 3.02
CA GLU A 58 8.66 -6.55 2.50
C GLU A 58 7.45 -5.82 3.10
N ILE A 59 6.48 -5.47 2.27
CA ILE A 59 5.35 -4.70 2.76
C ILE A 59 4.19 -5.58 3.27
N ASP A 60 4.11 -6.82 2.79
CA ASP A 60 2.99 -7.69 3.15
C ASP A 60 3.07 -8.20 4.58
N ARG A 61 2.00 -7.97 5.34
CA ARG A 61 2.02 -8.29 6.77
C ARG A 61 2.14 -9.78 6.97
N ASP A 62 1.42 -10.55 6.16
CA ASP A 62 1.43 -12.00 6.30
C ASP A 62 2.79 -12.59 5.96
N LEU A 63 3.36 -12.14 4.84
CA LEU A 63 4.71 -12.57 4.47
C LEU A 63 5.73 -12.28 5.56
N VAL A 64 5.68 -11.06 6.11
CA VAL A 64 6.60 -10.65 7.16
C VAL A 64 6.43 -11.52 8.41
N ALA A 65 5.18 -11.80 8.76
CA ALA A 65 4.91 -12.66 9.92
C ALA A 65 5.51 -14.06 9.71
N PHE A 66 5.36 -14.59 8.49
CA PHE A 66 5.97 -15.88 8.20
C PHE A 66 7.49 -15.81 8.31
N LEU A 67 8.07 -14.76 7.74
CA LEU A 67 9.52 -14.58 7.77
C LEU A 67 10.05 -14.46 9.20
N GLN A 68 9.30 -13.79 10.07
CA GLN A 68 9.73 -13.57 11.44
C GLN A 68 9.75 -14.91 12.20
N LYS A 69 8.76 -15.77 11.94
CA LYS A 69 8.71 -17.10 12.55
C LYS A 69 9.89 -17.91 12.04
N LYS A 70 10.16 -17.79 10.75
CA LYS A 70 11.22 -18.55 10.13
C LYS A 70 12.63 -18.16 10.60
N TYR A 71 12.88 -16.87 10.77
CA TYR A 71 14.24 -16.38 10.97
C TYR A 71 14.55 -15.73 12.32
N ASN A 72 13.66 -15.85 13.30
CA ASN A 72 13.90 -15.14 14.56
C ASN A 72 15.07 -15.69 15.39
N GLN A 73 15.57 -16.86 15.01
CA GLN A 73 16.77 -17.44 15.64
C GLN A 73 18.02 -17.20 14.79
N GLN A 74 17.86 -16.52 13.66
CA GLN A 74 18.97 -16.33 12.74
C GLN A 74 19.63 -14.98 12.98
N LYS A 75 20.83 -15.00 13.57
CA LYS A 75 21.51 -13.78 14.01
C LYS A 75 21.68 -12.72 12.92
N ASN A 76 22.00 -13.15 11.70
CA ASN A 76 22.37 -12.17 10.70
C ASN A 76 21.23 -11.81 9.76
N ILE A 77 20.00 -12.17 10.13
CA ILE A 77 18.81 -11.75 9.38
C ILE A 77 18.08 -10.66 10.16
N THR A 78 17.73 -9.58 9.46
CA THR A 78 16.90 -8.52 10.02
C THR A 78 15.75 -8.29 9.06
N ILE A 79 14.55 -8.10 9.61
CA ILE A 79 13.34 -8.05 8.79
C ILE A 79 12.60 -6.74 8.96
N TYR A 80 12.36 -6.07 7.84
CA TYR A 80 11.67 -4.78 7.82
C TYR A 80 10.31 -4.90 7.16
N GLN A 81 9.24 -4.63 7.92
CA GLN A 81 7.94 -4.47 7.29
C GLN A 81 7.79 -3.03 6.85
N ASN A 82 8.14 -2.76 5.60
CA ASN A 82 8.13 -1.40 5.09
C ASN A 82 7.82 -1.39 3.61
N ASP A 83 7.46 -0.22 3.12
CA ASP A 83 7.26 0.02 1.69
C ASP A 83 8.62 0.29 1.04
N ALA A 84 9.07 -0.63 0.21
CA ALA A 84 10.39 -0.50 -0.40
C ALA A 84 10.53 0.78 -1.25
N LEU A 85 9.39 1.26 -1.76
CA LEU A 85 9.37 2.47 -2.59
C LEU A 85 9.64 3.71 -1.77
N GLN A 86 9.47 3.60 -0.46
CA GLN A 86 9.69 4.73 0.44
C GLN A 86 10.88 4.49 1.37
N PHE A 87 11.42 3.29 1.32
CA PHE A 87 12.47 2.90 2.26
C PHE A 87 13.75 3.77 2.18
N ASP A 88 14.24 4.23 3.34
CA ASP A 88 15.48 4.97 3.40
C ASP A 88 16.63 3.99 3.60
N PHE A 89 17.33 3.66 2.52
CA PHE A 89 18.37 2.63 2.58
C PHE A 89 19.58 3.08 3.40
N SER A 90 19.66 4.37 3.67
CA SER A 90 20.70 4.91 4.56
C SER A 90 20.41 4.60 6.03
N SER A 91 19.18 4.20 6.34
CA SER A 91 18.84 3.81 7.71
C SER A 91 19.39 2.42 8.07
N VAL A 92 19.90 1.70 7.08
CA VAL A 92 20.63 0.48 7.35
C VAL A 92 22.07 0.89 7.58
N LYS A 93 22.40 1.11 8.85
CA LYS A 93 23.67 1.72 9.24
C LYS A 93 24.82 0.75 9.16
N THR A 94 25.68 0.95 8.15
CA THR A 94 26.87 0.14 8.03
C THR A 94 27.97 1.00 7.42
N ASP A 95 29.20 0.54 7.49
CA ASP A 95 30.33 1.33 7.03
C ASP A 95 30.41 1.42 5.51
N LYS A 96 29.92 0.39 4.83
CA LYS A 96 30.08 0.28 3.38
C LYS A 96 28.73 0.38 2.65
N PRO A 97 28.76 0.74 1.35
CA PRO A 97 27.56 0.67 0.53
C PRO A 97 26.94 -0.73 0.53
N LEU A 98 25.61 -0.77 0.44
CA LEU A 98 24.85 -2.01 0.51
C LEU A 98 24.76 -2.77 -0.82
N ARG A 99 24.70 -4.10 -0.76
CA ARG A 99 24.42 -4.85 -1.98
C ARG A 99 22.94 -5.22 -2.02
N VAL A 100 22.21 -4.67 -2.98
CA VAL A 100 20.77 -4.87 -3.02
C VAL A 100 20.44 -6.00 -3.98
N VAL A 101 19.48 -6.83 -3.58
CA VAL A 101 19.04 -7.96 -4.41
C VAL A 101 17.53 -8.08 -4.28
N GLY A 102 16.91 -8.85 -5.16
CA GLY A 102 15.48 -8.98 -5.08
C GLY A 102 14.73 -9.52 -6.28
N ASN A 103 13.41 -9.65 -6.09
CA ASN A 103 12.50 -10.21 -7.06
C ASN A 103 11.29 -9.28 -7.19
N LEU A 104 11.22 -8.54 -8.29
CA LEU A 104 10.24 -7.43 -8.42
C LEU A 104 9.18 -7.66 -9.51
N PRO A 105 7.92 -7.33 -9.19
CA PRO A 105 6.83 -7.31 -10.18
C PRO A 105 7.07 -6.22 -11.21
N TYR A 106 6.43 -6.32 -12.37
CA TYR A 106 6.60 -5.32 -13.44
C TYR A 106 6.20 -3.94 -12.95
N ASN A 107 5.07 -3.86 -12.24
CA ASN A 107 4.42 -2.57 -11.99
C ASN A 107 5.19 -1.67 -11.01
N ILE A 108 6.13 -2.28 -10.30
CA ILE A 108 6.92 -1.59 -9.28
C ILE A 108 8.39 -1.43 -9.70
N SER A 109 8.75 -2.05 -10.83
CA SER A 109 10.14 -2.11 -11.26
C SER A 109 10.75 -0.75 -11.52
N THR A 110 10.13 0.05 -12.39
CA THR A 110 10.67 1.36 -12.69
C THR A 110 10.73 2.27 -11.45
N PRO A 111 9.61 2.38 -10.71
CA PRO A 111 9.65 3.26 -9.53
C PRO A 111 10.61 2.78 -8.45
N LEU A 112 10.75 1.48 -8.24
CA LEU A 112 11.72 1.01 -7.27
C LEU A 112 13.15 1.34 -7.73
N LEU A 113 13.46 1.08 -9.00
CA LEU A 113 14.79 1.40 -9.52
C LEU A 113 15.11 2.89 -9.41
N PHE A 114 14.16 3.74 -9.80
CA PHE A 114 14.38 5.17 -9.72
C PHE A 114 14.59 5.59 -8.28
N HIS A 115 13.87 4.95 -7.37
CA HIS A 115 14.01 5.27 -5.95
C HIS A 115 15.42 4.90 -5.47
N LEU A 116 15.89 3.73 -5.88
CA LEU A 116 17.24 3.32 -5.52
C LEU A 116 18.27 4.27 -6.11
N PHE A 117 18.02 4.69 -7.35
CA PHE A 117 18.93 5.63 -7.99
C PHE A 117 19.04 6.94 -7.20
N SER A 118 17.93 7.39 -6.62
CA SER A 118 17.92 8.66 -5.88
C SER A 118 18.76 8.55 -4.62
N GLN A 119 19.10 7.33 -4.24
CA GLN A 119 19.90 7.07 -3.05
C GLN A 119 21.18 6.29 -3.37
N ILE A 120 21.70 6.49 -4.58
CA ILE A 120 22.65 5.53 -5.14
C ILE A 120 24.00 5.50 -4.43
N HIS A 121 24.33 6.57 -3.72
CA HIS A 121 25.54 6.58 -2.88
C HIS A 121 25.49 5.48 -1.79
N CYS A 122 24.29 4.97 -1.49
CA CYS A 122 24.11 3.92 -0.48
C CYS A 122 24.36 2.51 -1.01
N ILE A 123 24.60 2.40 -2.31
CA ILE A 123 24.47 1.12 -3.01
C ILE A 123 25.74 0.71 -3.74
N GLU A 124 26.25 -0.48 -3.42
CA GLU A 124 27.42 -1.02 -4.12
C GLU A 124 27.03 -1.56 -5.50
N ASP A 125 26.01 -2.41 -5.51
CA ASP A 125 25.46 -2.97 -6.74
C ASP A 125 24.07 -3.55 -6.51
N MSE A 126 23.44 -3.96 -7.61
CA MSE A 126 22.09 -4.52 -7.55
C MSE A 126 21.99 -5.75 -8.46
O MSE A 126 22.47 -5.73 -9.60
CB MSE A 126 21.08 -3.47 -8.02
CG MSE A 126 20.92 -2.30 -7.09
SE MSE A 126 20.20 -0.75 -7.99
CE MSE A 126 21.87 0.03 -8.65
N HIS A 127 21.39 -6.82 -7.94
CA HIS A 127 21.00 -7.97 -8.75
C HIS A 127 19.51 -8.23 -8.54
N PHE A 128 18.72 -8.12 -9.62
CA PHE A 128 17.27 -8.32 -9.52
C PHE A 128 16.73 -9.35 -10.49
N MSE A 129 15.75 -10.12 -10.04
CA MSE A 129 14.88 -10.85 -10.95
C MSE A 129 13.75 -9.91 -11.39
O MSE A 129 13.01 -9.41 -10.56
CB MSE A 129 14.28 -12.08 -10.27
CG MSE A 129 13.35 -12.88 -11.19
SE MSE A 129 14.40 -14.05 -12.38
CE MSE A 129 14.84 -15.40 -11.05
N LEU A 130 13.64 -9.69 -12.71
CA LEU A 130 12.58 -8.87 -13.26
C LEU A 130 11.94 -9.61 -14.42
N GLN A 131 10.82 -9.08 -14.92
CA GLN A 131 10.23 -9.60 -16.14
C GLN A 131 11.23 -9.33 -17.26
N LYS A 132 11.39 -10.29 -18.17
CA LYS A 132 12.45 -10.18 -19.17
C LYS A 132 12.34 -8.89 -19.97
N GLU A 133 11.11 -8.45 -20.22
CA GLU A 133 10.91 -7.23 -20.99
C GLU A 133 11.54 -6.03 -20.31
N VAL A 134 11.44 -5.97 -18.99
CA VAL A 134 12.03 -4.85 -18.27
C VAL A 134 13.54 -4.86 -18.43
N VAL A 135 14.14 -6.04 -18.34
CA VAL A 135 15.58 -6.19 -18.51
C VAL A 135 16.04 -5.73 -19.90
N ARG A 136 15.28 -6.11 -20.92
CA ARG A 136 15.55 -5.67 -22.28
C ARG A 136 15.50 -4.15 -22.39
N ARG A 137 14.52 -3.53 -21.74
CA ARG A 137 14.41 -2.07 -21.77
C ARG A 137 15.58 -1.42 -21.02
N ILE A 138 15.95 -1.97 -19.87
CA ILE A 138 17.06 -1.40 -19.13
C ILE A 138 18.36 -1.40 -19.96
N THR A 139 18.58 -2.49 -20.69
CA THR A 139 19.86 -2.68 -21.38
C THR A 139 19.76 -2.37 -22.86
N ALA A 140 18.71 -1.65 -23.25
CA ALA A 140 18.43 -1.41 -24.66
C ALA A 140 19.52 -0.62 -25.35
N GLU A 141 19.76 -0.94 -26.62
CA GLU A 141 20.69 -0.16 -27.44
C GLU A 141 20.02 1.13 -27.85
N VAL A 142 20.79 2.20 -27.92
CA VAL A 142 20.30 3.45 -28.44
C VAL A 142 19.59 3.21 -29.77
N GLY A 143 18.40 3.78 -29.93
CA GLY A 143 17.66 3.70 -31.17
C GLY A 143 16.63 2.59 -31.25
N SER A 144 16.75 1.59 -30.41
CA SER A 144 15.83 0.47 -30.49
C SER A 144 14.45 0.81 -29.92
N HIS A 145 13.47 0.00 -30.27
CA HIS A 145 12.12 0.16 -29.75
C HIS A 145 12.07 -0.02 -28.23
N ASP A 146 13.07 -0.69 -27.64
CA ASP A 146 13.11 -0.89 -26.18
C ASP A 146 13.81 0.27 -25.47
N TYR A 147 14.48 1.12 -26.23
CA TYR A 147 15.24 2.22 -25.65
C TYR A 147 14.32 3.40 -25.34
N GLY A 148 14.23 3.77 -24.07
CA GLY A 148 13.33 4.81 -23.64
C GLY A 148 13.78 5.46 -22.33
N ARG A 149 12.84 6.06 -21.62
CA ARG A 149 13.14 6.76 -20.36
C ARG A 149 13.83 5.87 -19.33
N LEU A 150 13.36 4.63 -19.21
CA LEU A 150 13.99 3.69 -18.27
C LEU A 150 15.44 3.40 -18.67
N SER A 151 15.63 3.09 -19.95
CA SER A 151 16.95 2.83 -20.50
C SER A 151 17.87 3.99 -20.18
N VAL A 152 17.42 5.19 -20.49
CA VAL A 152 18.30 6.35 -20.39
C VAL A 152 18.70 6.62 -18.94
N MSE A 153 17.74 6.58 -18.01
CA MSE A 153 18.06 6.85 -16.61
C MSE A 153 18.91 5.74 -15.97
O MSE A 153 19.86 6.01 -15.24
CB MSE A 153 16.82 7.12 -15.78
CG MSE A 153 15.97 8.29 -16.31
SE MSE A 153 16.91 9.98 -16.42
CE MSE A 153 18.43 9.61 -17.58
N ALA A 154 18.57 4.50 -16.28
CA ALA A 154 19.32 3.38 -15.73
C ALA A 154 20.76 3.35 -16.25
N GLN A 155 20.93 3.72 -17.51
CA GLN A 155 22.25 3.69 -18.12
C GLN A 155 23.05 4.94 -17.78
N TYR A 156 22.35 6.00 -17.37
CA TYR A 156 23.07 7.12 -16.79
C TYR A 156 23.65 6.75 -15.42
N PHE A 157 22.84 6.11 -14.58
CA PHE A 157 23.27 5.78 -13.21
C PHE A 157 24.19 4.56 -13.13
N CYS A 158 23.93 3.57 -13.97
CA CYS A 158 24.59 2.27 -13.85
C CYS A 158 25.10 1.69 -15.16
N ASP A 159 26.06 0.79 -15.03
CA ASP A 159 26.40 -0.15 -16.09
C ASP A 159 25.56 -1.39 -15.85
N ASN A 160 24.78 -1.77 -16.85
CA ASN A 160 23.74 -2.79 -16.67
C ASN A 160 24.00 -3.99 -17.56
N THR A 161 23.79 -5.17 -17.01
CA THR A 161 24.09 -6.42 -17.69
C THR A 161 22.98 -7.47 -17.52
N TYR A 162 22.41 -7.92 -18.65
CA TYR A 162 21.50 -9.04 -18.62
C TYR A 162 22.34 -10.27 -18.37
N LEU A 163 21.94 -11.10 -17.41
CA LEU A 163 22.75 -12.25 -17.03
C LEU A 163 22.21 -13.56 -17.59
N PHE A 164 20.93 -13.81 -17.38
CA PHE A 164 20.27 -15.00 -17.91
C PHE A 164 18.76 -14.96 -17.79
N THR A 165 18.11 -15.77 -18.63
CA THR A 165 16.66 -15.86 -18.66
C THR A 165 16.17 -16.97 -17.72
N VAL A 166 14.98 -16.78 -17.16
CA VAL A 166 14.38 -17.75 -16.27
C VAL A 166 12.96 -18.07 -16.74
N SER A 167 12.68 -19.36 -16.92
CA SER A 167 11.38 -19.82 -17.41
C SER A 167 10.30 -19.73 -16.36
N PRO A 168 9.04 -19.62 -16.81
CA PRO A 168 7.96 -19.52 -15.82
C PRO A 168 7.92 -20.70 -14.88
N GLN A 169 8.43 -21.87 -15.32
CA GLN A 169 8.31 -23.08 -14.51
C GLN A 169 9.18 -23.05 -13.25
N ALA A 170 10.04 -22.04 -13.15
CA ALA A 170 10.89 -21.89 -11.98
C ALA A 170 10.15 -21.33 -10.75
N PHE A 171 8.96 -20.78 -10.98
CA PHE A 171 8.22 -20.05 -9.96
C PHE A 171 6.92 -20.74 -9.55
N THR A 172 6.49 -20.46 -8.32
CA THR A 172 5.18 -20.88 -7.82
C THR A 172 4.42 -19.66 -7.32
N PRO A 173 3.27 -19.35 -7.95
CA PRO A 173 2.80 -19.98 -9.18
C PRO A 173 3.59 -19.36 -10.33
N PRO A 174 3.48 -19.95 -11.53
CA PRO A 174 4.26 -19.47 -12.68
C PRO A 174 3.74 -18.15 -13.22
N PRO A 175 4.66 -17.23 -13.61
CA PRO A 175 4.22 -16.04 -14.35
C PRO A 175 3.82 -16.41 -15.78
N ARG A 176 3.34 -15.44 -16.54
CA ARG A 176 2.86 -15.70 -17.89
C ARG A 176 3.98 -15.52 -18.90
N VAL A 177 5.06 -14.89 -18.46
CA VAL A 177 6.15 -14.48 -19.35
C VAL A 177 7.53 -14.86 -18.82
N GLU A 178 8.54 -14.71 -19.68
CA GLU A 178 9.90 -15.00 -19.26
C GLU A 178 10.37 -13.95 -18.27
N SER A 179 11.27 -14.37 -17.39
CA SER A 179 11.90 -13.47 -16.43
C SER A 179 13.39 -13.47 -16.73
N ALA A 180 14.14 -12.60 -16.06
CA ALA A 180 15.58 -12.57 -16.26
C ALA A 180 16.27 -11.94 -15.07
N ILE A 181 17.52 -12.31 -14.86
CA ILE A 181 18.35 -11.67 -13.88
C ILE A 181 19.17 -10.56 -14.52
N ILE A 182 19.18 -9.40 -13.87
CA ILE A 182 19.98 -8.28 -14.34
C ILE A 182 20.90 -7.78 -13.23
N ARG A 183 22.09 -7.35 -13.63
CA ARG A 183 23.06 -6.73 -12.74
C ARG A 183 23.13 -5.23 -13.06
N LEU A 184 23.06 -4.40 -12.03
CA LEU A 184 23.25 -2.96 -12.23
C LEU A 184 24.35 -2.49 -11.29
N ILE A 185 25.36 -1.83 -11.86
CA ILE A 185 26.50 -1.34 -11.08
C ILE A 185 26.61 0.16 -11.24
N PRO A 186 26.40 0.91 -10.15
CA PRO A 186 26.55 2.36 -10.20
C PRO A 186 27.86 2.76 -10.87
N ARG A 187 27.79 3.73 -11.77
CA ARG A 187 28.96 4.19 -12.49
C ARG A 187 29.73 5.22 -11.67
N HIS A 188 31.04 5.27 -11.90
CA HIS A 188 31.88 6.33 -11.36
C HIS A 188 32.83 6.78 -12.48
N ASN A 189 33.50 7.91 -12.29
CA ASN A 189 34.64 8.29 -13.13
C ASN A 189 34.29 8.75 -14.55
N PHE A 190 33.00 8.99 -14.83
CA PHE A 190 32.59 9.37 -16.18
C PHE A 190 32.39 10.88 -16.37
N THR A 191 32.47 11.33 -17.61
CA THR A 191 32.25 12.73 -17.97
C THR A 191 31.57 12.75 -19.34
N PRO A 192 30.61 13.68 -19.54
CA PRO A 192 30.16 14.72 -18.61
C PRO A 192 29.19 14.19 -17.55
N VAL A 193 29.12 14.89 -16.42
CA VAL A 193 28.20 14.54 -15.36
C VAL A 193 26.99 15.44 -15.50
N ALA A 194 25.80 14.95 -15.19
CA ALA A 194 24.64 15.84 -15.12
C ALA A 194 24.74 16.63 -13.82
N LYS A 195 24.87 17.95 -13.95
CA LYS A 195 25.05 18.82 -12.80
C LYS A 195 23.81 18.86 -11.91
N ASN A 196 22.64 18.61 -12.51
CA ASN A 196 21.38 18.63 -11.75
C ASN A 196 20.55 17.40 -12.10
N LEU A 197 20.38 16.48 -11.16
CA LEU A 197 19.75 15.21 -11.48
C LEU A 197 18.24 15.35 -11.71
N ASP A 198 17.63 16.32 -11.05
CA ASP A 198 16.22 16.58 -11.28
C ASP A 198 15.99 17.15 -12.68
N GLN A 199 16.90 18.01 -13.12
CA GLN A 199 16.79 18.57 -14.46
C GLN A 199 16.91 17.44 -15.48
N LEU A 200 17.81 16.49 -15.21
CA LEU A 200 18.02 15.37 -16.14
C LEU A 200 16.76 14.53 -16.21
N SER A 201 16.21 14.18 -15.05
CA SER A 201 14.99 13.37 -15.00
C SER A 201 13.87 14.06 -15.76
N HIS A 202 13.75 15.37 -15.60
CA HIS A 202 12.69 16.12 -16.29
C HIS A 202 12.87 16.13 -17.80
N VAL A 203 14.08 16.42 -18.25
CA VAL A 203 14.40 16.40 -19.67
C VAL A 203 14.04 15.06 -20.30
N VAL A 204 14.44 13.98 -19.65
CA VAL A 204 14.24 12.64 -20.20
C VAL A 204 12.77 12.23 -20.18
N LYS A 205 12.08 12.57 -19.09
CA LYS A 205 10.66 12.27 -18.99
C LYS A 205 9.91 13.01 -20.09
N GLU A 206 10.25 14.28 -20.30
CA GLU A 206 9.59 15.08 -21.32
C GLU A 206 9.89 14.54 -22.70
N ALA A 207 11.16 14.22 -22.95
CA ALA A 207 11.56 13.74 -24.26
C ALA A 207 10.77 12.51 -24.66
N PHE A 208 10.57 11.59 -23.73
CA PHE A 208 9.93 10.32 -24.07
C PHE A 208 8.41 10.29 -23.82
N SER A 209 7.86 11.43 -23.42
CA SER A 209 6.42 11.54 -23.20
C SER A 209 5.64 11.16 -24.45
N TYR A 210 6.07 11.70 -25.58
CA TYR A 210 5.48 11.37 -26.87
C TYR A 210 6.59 10.86 -27.76
N ARG A 211 6.72 9.54 -27.81
CA ARG A 211 7.84 8.88 -28.47
C ARG A 211 8.02 9.26 -29.93
N ARG A 212 6.92 9.59 -30.61
CA ARG A 212 7.01 9.87 -32.04
C ARG A 212 7.32 11.33 -32.38
N LYS A 213 7.42 12.20 -31.38
CA LYS A 213 7.83 13.57 -31.67
C LYS A 213 9.32 13.60 -32.00
N THR A 214 9.74 14.58 -32.79
CA THR A 214 11.17 14.85 -32.92
C THR A 214 11.58 15.39 -31.55
N VAL A 215 12.84 15.22 -31.19
CA VAL A 215 13.28 15.73 -29.89
C VAL A 215 13.15 17.25 -29.84
N GLY A 216 13.31 17.90 -31.00
CA GLY A 216 13.17 19.33 -31.08
C GLY A 216 11.76 19.77 -30.71
N ASN A 217 10.77 19.02 -31.20
CA ASN A 217 9.40 19.29 -30.86
C ASN A 217 9.11 18.89 -29.41
N ALA A 218 9.59 17.71 -29.02
CA ALA A 218 9.36 17.23 -27.67
C ALA A 218 9.86 18.24 -26.63
N LEU A 219 11.02 18.84 -26.91
CA LEU A 219 11.67 19.70 -25.93
C LEU A 219 11.56 21.19 -26.27
N LYS A 220 10.60 21.53 -27.12
CA LYS A 220 10.46 22.89 -27.61
C LYS A 220 10.26 23.90 -26.48
N LYS A 221 9.75 23.45 -25.34
CA LYS A 221 9.57 24.35 -24.20
C LYS A 221 10.86 24.54 -23.39
N LEU A 222 11.90 23.80 -23.75
CA LEU A 222 13.13 23.75 -22.94
C LEU A 222 14.33 24.21 -23.76
N ILE A 223 14.36 23.80 -25.02
CA ILE A 223 15.48 24.12 -25.89
C ILE A 223 14.96 24.83 -27.13
N ASN A 224 15.46 26.03 -27.40
CA ASN A 224 15.09 26.71 -28.64
C ASN A 224 16.00 26.35 -29.81
N PRO A 225 15.54 26.59 -31.03
CA PRO A 225 16.23 26.10 -32.23
C PRO A 225 17.71 26.48 -32.29
N SER A 226 18.08 27.66 -31.80
CA SER A 226 19.46 28.12 -31.86
C SER A 226 20.40 27.33 -30.94
N GLN A 227 19.84 26.55 -30.03
CA GLN A 227 20.68 25.85 -29.06
C GLN A 227 21.08 24.44 -29.51
N TRP A 228 20.33 23.86 -30.44
CA TRP A 228 20.62 22.48 -30.84
C TRP A 228 22.03 22.31 -31.42
N PRO A 229 22.49 23.27 -32.23
CA PRO A 229 23.86 23.16 -32.76
C PRO A 229 24.92 23.24 -31.66
N LEU A 230 24.62 23.96 -30.58
CA LEU A 230 25.55 24.07 -29.46
C LEU A 230 25.77 22.72 -28.79
N LEU A 231 24.73 21.89 -28.83
CA LEU A 231 24.75 20.55 -28.24
C LEU A 231 25.25 19.51 -29.23
N GLU A 232 25.45 19.93 -30.48
CA GLU A 232 25.80 19.01 -31.54
C GLU A 232 24.79 17.86 -31.62
N ILE A 233 23.52 18.21 -31.47
CA ILE A 233 22.42 17.25 -31.59
C ILE A 233 21.50 17.66 -32.71
N ASN A 234 21.12 16.69 -33.54
CA ASN A 234 20.16 16.90 -34.61
C ASN A 234 18.73 16.90 -34.07
N PRO A 235 18.06 18.07 -34.04
CA PRO A 235 16.73 18.11 -33.42
C PRO A 235 15.65 17.38 -34.24
N GLN A 236 15.98 16.94 -35.45
CA GLN A 236 14.99 16.22 -36.27
C GLN A 236 14.90 14.74 -35.90
N LEU A 237 15.84 14.28 -35.09
CA LEU A 237 15.81 12.90 -34.58
C LEU A 237 14.75 12.74 -33.49
N ARG A 238 14.15 11.56 -33.44
CA ARG A 238 13.27 11.22 -32.34
C ARG A 238 14.13 10.94 -31.13
N PRO A 239 13.57 11.13 -29.92
CA PRO A 239 14.39 11.02 -28.71
C PRO A 239 15.06 9.67 -28.60
N GLN A 240 14.45 8.60 -29.13
CA GLN A 240 15.04 7.27 -28.98
C GLN A 240 16.38 7.14 -29.71
N GLU A 241 16.70 8.12 -30.56
CA GLU A 241 17.94 8.12 -31.32
C GLU A 241 19.07 8.85 -30.60
N LEU A 242 18.75 9.52 -29.48
CA LEU A 242 19.78 10.21 -28.71
C LEU A 242 20.47 9.31 -27.68
N THR A 243 21.77 9.56 -27.51
CA THR A 243 22.58 8.83 -26.53
C THR A 243 22.31 9.36 -25.13
N VAL A 244 22.75 8.61 -24.13
CA VAL A 244 22.66 9.07 -22.75
C VAL A 244 23.40 10.40 -22.56
N GLU A 245 24.60 10.52 -23.12
CA GLU A 245 25.30 11.81 -22.99
C GLU A 245 24.63 12.94 -23.72
N ASP A 246 23.95 12.65 -24.82
CA ASP A 246 23.12 13.68 -25.45
C ASP A 246 22.16 14.25 -24.43
N PHE A 247 21.49 13.38 -23.68
CA PHE A 247 20.51 13.84 -22.70
C PHE A 247 21.19 14.58 -21.54
N VAL A 248 22.39 14.15 -21.19
CA VAL A 248 23.15 14.84 -20.16
C VAL A 248 23.53 16.23 -20.68
N LYS A 249 23.91 16.32 -21.94
CA LYS A 249 24.24 17.62 -22.52
C LYS A 249 23.04 18.56 -22.52
N ILE A 250 21.87 18.03 -22.87
CA ILE A 250 20.65 18.82 -22.84
C ILE A 250 20.39 19.35 -21.45
N SER A 251 20.52 18.45 -20.48
CA SER A 251 20.26 18.79 -19.08
C SER A 251 21.18 19.92 -18.59
N ASN A 252 22.45 19.81 -18.94
CA ASN A 252 23.45 20.77 -18.46
C ASN A 252 23.31 22.20 -19.03
N ILE A 253 22.79 22.32 -20.25
CA ILE A 253 22.66 23.65 -20.84
C ILE A 253 21.52 24.43 -20.21
N LEU A 254 20.70 23.73 -19.42
CA LEU A 254 19.53 24.34 -18.78
C LEU A 254 19.77 24.82 -17.34
N ASN A 255 20.82 24.32 -16.72
CA ASN A 255 21.05 24.55 -15.29
C ASN A 255 21.49 25.99 -15.00
N GLN B 9 -2.73 13.74 7.63
CA GLN B 9 -3.79 13.41 6.72
C GLN B 9 -3.27 12.92 5.37
N HIS B 10 -3.85 11.83 4.87
CA HIS B 10 -3.46 11.29 3.58
C HIS B 10 -4.58 11.49 2.57
N PHE B 11 -4.31 12.32 1.56
CA PHE B 11 -5.31 12.63 0.53
C PHE B 11 -5.18 11.67 -0.62
N LEU B 12 -6.30 11.06 -1.03
CA LEU B 12 -6.31 10.14 -2.15
C LEU B 12 -6.25 10.93 -3.46
N HIS B 13 -5.36 10.56 -4.36
CA HIS B 13 -5.21 11.28 -5.63
C HIS B 13 -5.27 10.39 -6.87
N ASP B 14 -5.19 9.07 -6.67
CA ASP B 14 -5.21 8.13 -7.79
C ASP B 14 -6.60 7.96 -8.37
N SER B 15 -6.77 8.32 -9.65
CA SER B 15 -8.09 8.32 -10.26
C SER B 15 -8.66 6.91 -10.40
N PHE B 16 -7.81 5.92 -10.59
CA PHE B 16 -8.30 4.54 -10.72
C PHE B 16 -8.89 4.03 -9.41
N VAL B 17 -8.20 4.30 -8.30
CA VAL B 17 -8.69 3.95 -6.98
C VAL B 17 -9.99 4.69 -6.73
N LEU B 18 -9.99 5.98 -7.00
CA LEU B 18 -11.18 6.80 -6.77
C LEU B 18 -12.39 6.23 -7.51
N GLN B 19 -12.22 5.92 -8.79
CA GLN B 19 -13.34 5.37 -9.56
C GLN B 19 -13.73 3.99 -9.04
N LYS B 20 -12.75 3.20 -8.61
CA LYS B 20 -13.02 1.90 -8.01
C LYS B 20 -13.92 2.01 -6.77
N ILE B 21 -13.70 3.04 -5.96
CA ILE B 21 -14.53 3.31 -4.77
C ILE B 21 -15.97 3.67 -5.16
N VAL B 22 -16.10 4.56 -6.14
CA VAL B 22 -17.40 4.92 -6.68
C VAL B 22 -18.17 3.70 -7.15
N SER B 23 -17.47 2.80 -7.86
CA SER B 23 -18.11 1.60 -8.37
C SER B 23 -18.55 0.66 -7.23
N ALA B 24 -17.76 0.60 -6.17
CA ALA B 24 -18.12 -0.24 -5.04
C ALA B 24 -19.37 0.30 -4.36
N ILE B 25 -19.39 1.61 -4.11
CA ILE B 25 -20.53 2.28 -3.48
C ILE B 25 -21.78 2.19 -4.36
N HIS B 26 -21.59 2.38 -5.66
CA HIS B 26 -22.68 2.49 -6.62
C HIS B 26 -23.72 3.51 -6.16
N PRO B 27 -23.31 4.78 -6.04
CA PRO B 27 -24.25 5.79 -5.56
C PRO B 27 -25.38 6.00 -6.57
N GLN B 28 -26.60 6.20 -6.07
CA GLN B 28 -27.75 6.47 -6.92
C GLN B 28 -28.36 7.79 -6.49
N LYS B 29 -29.07 8.43 -7.41
CA LYS B 29 -29.69 9.71 -7.11
C LYS B 29 -30.83 9.58 -6.09
N THR B 30 -31.14 8.35 -5.70
CA THR B 30 -32.05 8.12 -4.58
C THR B 30 -31.32 8.35 -3.25
N ASP B 31 -29.99 8.35 -3.30
CA ASP B 31 -29.20 8.26 -2.07
C ASP B 31 -28.84 9.59 -1.44
N THR B 32 -28.72 9.58 -0.11
CA THR B 32 -28.10 10.66 0.63
C THR B 32 -26.80 10.11 1.21
N LEU B 33 -25.69 10.75 0.89
CA LEU B 33 -24.38 10.29 1.37
C LEU B 33 -23.78 11.24 2.40
N VAL B 34 -23.08 10.67 3.37
CA VAL B 34 -22.32 11.47 4.31
C VAL B 34 -20.87 11.02 4.22
N GLU B 35 -19.98 11.95 3.88
CA GLU B 35 -18.58 11.63 3.69
C GLU B 35 -17.75 12.20 4.83
N ILE B 36 -17.06 11.32 5.53
CA ILE B 36 -16.18 11.70 6.61
C ILE B 36 -14.75 11.68 6.10
N GLY B 37 -14.02 12.75 6.37
CA GLY B 37 -12.65 12.89 5.88
C GLY B 37 -12.59 13.05 4.37
N PRO B 38 -13.25 14.09 3.83
CA PRO B 38 -13.33 14.33 2.39
C PRO B 38 -11.99 14.83 1.80
N GLY B 39 -11.08 15.30 2.65
CA GLY B 39 -9.82 15.84 2.18
C GLY B 39 -10.04 17.04 1.29
N ARG B 40 -9.46 16.99 0.09
CA ARG B 40 -9.63 18.06 -0.89
C ARG B 40 -10.91 17.84 -1.69
N GLY B 41 -11.59 16.71 -1.45
CA GLY B 41 -12.78 16.38 -2.19
C GLY B 41 -12.48 15.58 -3.45
N ALA B 42 -11.40 14.81 -3.41
CA ALA B 42 -11.05 13.96 -4.55
C ALA B 42 -12.17 12.98 -4.87
N LEU B 43 -12.74 12.38 -3.83
CA LEU B 43 -13.85 11.44 -4.04
C LEU B 43 -15.16 12.20 -4.19
N THR B 44 -15.32 13.22 -3.36
CA THR B 44 -16.49 14.09 -3.40
C THR B 44 -16.82 14.50 -4.85
N ASP B 45 -15.77 14.80 -5.62
CA ASP B 45 -15.97 15.28 -7.00
C ASP B 45 -16.61 14.24 -7.92
N TYR B 46 -16.38 12.97 -7.60
CA TYR B 46 -17.05 11.88 -8.31
C TYR B 46 -18.47 11.69 -7.80
N LEU B 47 -18.63 11.76 -6.47
CA LEU B 47 -19.89 11.43 -5.84
C LEU B 47 -21.01 12.46 -6.09
N LEU B 48 -20.63 13.71 -6.23
CA LEU B 48 -21.65 14.76 -6.27
C LEU B 48 -22.55 14.69 -7.50
N THR B 49 -22.08 14.07 -8.58
CA THR B 49 -22.95 13.88 -9.74
C THR B 49 -23.84 12.65 -9.64
N GLU B 50 -23.63 11.83 -8.60
CA GLU B 50 -24.28 10.53 -8.53
C GLU B 50 -25.34 10.36 -7.44
N CYS B 51 -25.52 11.36 -6.59
CA CYS B 51 -26.49 11.23 -5.49
C CYS B 51 -27.39 12.45 -5.29
N ASP B 52 -28.42 12.30 -4.46
CA ASP B 52 -29.35 13.39 -4.19
C ASP B 52 -28.69 14.49 -3.34
N ASN B 53 -28.09 14.07 -2.22
CA ASN B 53 -27.43 15.01 -1.32
C ASN B 53 -26.17 14.39 -0.75
N LEU B 54 -25.15 15.22 -0.59
CA LEU B 54 -23.88 14.77 -0.06
C LEU B 54 -23.48 15.73 1.03
N ALA B 55 -23.38 15.22 2.26
CA ALA B 55 -22.93 16.02 3.38
C ALA B 55 -21.51 15.62 3.70
N LEU B 56 -20.64 16.61 3.89
CA LEU B 56 -19.27 16.35 4.32
C LEU B 56 -19.12 16.73 5.78
N VAL B 57 -18.44 15.89 6.54
CA VAL B 57 -18.14 16.15 7.95
C VAL B 57 -16.64 16.18 8.18
N GLU B 58 -16.15 17.27 8.74
CA GLU B 58 -14.71 17.49 8.87
C GLU B 58 -14.45 18.46 10.02
N ILE B 59 -13.53 18.11 10.89
CA ILE B 59 -13.29 18.93 12.07
C ILE B 59 -12.26 20.06 11.83
N ASP B 60 -11.36 19.87 10.85
CA ASP B 60 -10.29 20.85 10.62
C ASP B 60 -10.80 22.13 9.98
N ARG B 61 -10.58 23.25 10.65
CA ARG B 61 -11.12 24.53 10.20
C ARG B 61 -10.60 24.93 8.83
N ASP B 62 -9.31 24.68 8.59
CA ASP B 62 -8.71 25.02 7.30
C ASP B 62 -9.31 24.19 6.17
N LEU B 63 -9.35 22.88 6.35
CA LEU B 63 -9.96 22.01 5.34
C LEU B 63 -11.39 22.44 5.02
N VAL B 64 -12.16 22.76 6.05
CA VAL B 64 -13.55 23.19 5.88
C VAL B 64 -13.65 24.51 5.11
N ALA B 65 -12.73 25.44 5.39
CA ALA B 65 -12.72 26.72 4.69
C ALA B 65 -12.46 26.48 3.20
N PHE B 66 -11.52 25.59 2.91
CA PHE B 66 -11.21 25.27 1.52
C PHE B 66 -12.41 24.62 0.84
N LEU B 67 -13.03 23.66 1.53
CA LEU B 67 -14.20 22.98 0.98
C LEU B 67 -15.34 23.95 0.72
N GLN B 68 -15.52 24.91 1.63
CA GLN B 68 -16.60 25.87 1.47
C GLN B 68 -16.39 26.74 0.23
N LYS B 69 -15.14 27.14 0.00
CA LYS B 69 -14.79 27.92 -1.18
C LYS B 69 -15.06 27.10 -2.42
N LYS B 70 -14.68 25.83 -2.34
CA LYS B 70 -14.77 24.94 -3.48
C LYS B 70 -16.21 24.62 -3.88
N TYR B 71 -17.10 24.49 -2.89
CA TYR B 71 -18.43 23.95 -3.15
C TYR B 71 -19.62 24.88 -2.83
N ASN B 72 -19.36 26.16 -2.57
CA ASN B 72 -20.47 27.03 -2.19
C ASN B 72 -21.50 27.25 -3.30
N GLN B 73 -21.15 26.87 -4.53
CA GLN B 73 -22.07 26.95 -5.66
C GLN B 73 -22.69 25.59 -6.00
N GLN B 74 -22.29 24.55 -5.26
CA GLN B 74 -22.79 23.21 -5.55
C GLN B 74 -24.02 22.92 -4.70
N LYS B 75 -25.19 22.93 -5.35
CA LYS B 75 -26.49 22.79 -4.66
C LYS B 75 -26.57 21.58 -3.74
N ASN B 76 -26.03 20.45 -4.18
CA ASN B 76 -26.25 19.21 -3.44
C ASN B 76 -25.10 18.83 -2.50
N ILE B 77 -24.23 19.79 -2.20
CA ILE B 77 -23.19 19.62 -1.19
C ILE B 77 -23.52 20.46 0.04
N THR B 78 -23.41 19.84 1.21
CA THR B 78 -23.57 20.52 2.49
C THR B 78 -22.36 20.18 3.33
N ILE B 79 -21.83 21.16 4.04
CA ILE B 79 -20.56 21.00 4.74
C ILE B 79 -20.69 21.27 6.23
N TYR B 80 -20.33 20.28 7.03
CA TYR B 80 -20.38 20.41 8.49
C TYR B 80 -18.96 20.48 9.09
N GLN B 81 -18.65 21.57 9.76
CA GLN B 81 -17.45 21.61 10.58
C GLN B 81 -17.79 21.08 11.96
N ASN B 82 -17.61 19.77 12.14
CA ASN B 82 -17.98 19.11 13.39
C ASN B 82 -17.05 17.96 13.67
N ASP B 83 -17.05 17.52 14.93
CA ASP B 83 -16.32 16.33 15.34
C ASP B 83 -17.14 15.10 15.00
N ALA B 84 -16.66 14.31 14.04
CA ALA B 84 -17.40 13.13 13.57
C ALA B 84 -17.69 12.12 14.69
N LEU B 85 -16.88 12.15 15.73
CA LEU B 85 -17.01 11.24 16.87
C LEU B 85 -18.17 11.64 17.75
N GLN B 86 -18.65 12.86 17.58
CA GLN B 86 -19.75 13.35 18.37
C GLN B 86 -20.97 13.65 17.51
N PHE B 87 -20.81 13.50 16.21
CA PHE B 87 -21.85 13.92 15.27
C PHE B 87 -23.16 13.12 15.44
N ASP B 88 -24.28 13.84 15.50
CA ASP B 88 -25.58 13.18 15.56
C ASP B 88 -26.06 12.98 14.12
N PHE B 89 -25.91 11.77 13.60
CA PHE B 89 -26.24 11.50 12.21
C PHE B 89 -27.73 11.58 11.92
N SER B 90 -28.53 11.56 12.98
CA SER B 90 -29.97 11.73 12.82
C SER B 90 -30.34 13.19 12.57
N SER B 91 -29.40 14.11 12.78
CA SER B 91 -29.63 15.52 12.50
C SER B 91 -29.56 15.83 11.00
N VAL B 92 -29.12 14.84 10.22
CA VAL B 92 -29.22 14.94 8.77
C VAL B 92 -30.59 14.41 8.40
N LYS B 93 -31.57 15.32 8.36
CA LYS B 93 -32.97 14.95 8.22
C LYS B 93 -33.33 14.50 6.81
N THR B 94 -33.63 13.23 6.66
CA THR B 94 -34.08 12.70 5.39
C THR B 94 -35.01 11.53 5.64
N ASP B 95 -35.71 11.09 4.61
CA ASP B 95 -36.68 10.00 4.76
C ASP B 95 -36.01 8.65 4.95
N LYS B 96 -34.80 8.50 4.41
CA LYS B 96 -34.14 7.20 4.37
C LYS B 96 -32.84 7.17 5.18
N PRO B 97 -32.44 5.98 5.63
CA PRO B 97 -31.11 5.75 6.22
C PRO B 97 -30.01 6.28 5.29
N LEU B 98 -28.96 6.86 5.88
CA LEU B 98 -27.86 7.48 5.15
C LEU B 98 -26.81 6.48 4.67
N ARG B 99 -26.16 6.77 3.53
CA ARG B 99 -25.02 5.96 3.12
C ARG B 99 -23.74 6.67 3.53
N VAL B 100 -22.99 6.07 4.45
CA VAL B 100 -21.79 6.73 4.98
C VAL B 100 -20.58 6.24 4.23
N VAL B 101 -19.66 7.16 3.95
CA VAL B 101 -18.43 6.84 3.27
C VAL B 101 -17.33 7.68 3.89
N GLY B 102 -16.09 7.31 3.66
CA GLY B 102 -15.02 8.09 4.23
C GLY B 102 -13.63 7.48 4.22
N ASN B 103 -12.69 8.27 4.71
CA ASN B 103 -11.28 7.94 4.78
C ASN B 103 -10.77 8.25 6.18
N LEU B 104 -10.49 7.22 6.97
CA LEU B 104 -10.22 7.39 8.40
C LEU B 104 -8.81 7.00 8.82
N PRO B 105 -8.18 7.80 9.69
CA PRO B 105 -6.91 7.43 10.31
C PRO B 105 -7.09 6.24 11.23
N TYR B 106 -6.01 5.51 11.49
CA TYR B 106 -6.08 4.34 12.37
C TYR B 106 -6.68 4.73 13.72
N ASN B 107 -6.25 5.87 14.24
CA ASN B 107 -6.48 6.18 15.66
C ASN B 107 -7.93 6.50 16.03
N ILE B 108 -8.75 6.86 15.06
CA ILE B 108 -10.15 7.10 15.34
C ILE B 108 -11.05 6.04 14.69
N SER B 109 -10.43 5.05 14.07
CA SER B 109 -11.19 4.04 13.33
C SER B 109 -12.16 3.30 14.21
N THR B 110 -11.66 2.73 15.30
CA THR B 110 -12.55 2.01 16.23
C THR B 110 -13.60 2.94 16.87
N PRO B 111 -13.15 4.06 17.45
CA PRO B 111 -14.15 4.93 18.09
C PRO B 111 -15.17 5.49 17.11
N LEU B 112 -14.79 5.80 15.88
CA LEU B 112 -15.78 6.28 14.92
C LEU B 112 -16.79 5.17 14.53
N LEU B 113 -16.28 3.97 14.27
CA LEU B 113 -17.17 2.85 13.95
C LEU B 113 -18.16 2.57 15.09
N PHE B 114 -17.64 2.53 16.31
CA PHE B 114 -18.49 2.25 17.45
C PHE B 114 -19.55 3.33 17.58
N HIS B 115 -19.19 4.57 17.29
CA HIS B 115 -20.14 5.67 17.38
C HIS B 115 -21.25 5.50 16.34
N LEU B 116 -20.86 5.12 15.13
CA LEU B 116 -21.84 4.87 14.09
C LEU B 116 -22.75 3.72 14.47
N PHE B 117 -22.16 2.67 15.05
CA PHE B 117 -22.96 1.52 15.47
C PHE B 117 -24.02 1.95 16.50
N SER B 118 -23.66 2.90 17.36
CA SER B 118 -24.57 3.37 18.40
C SER B 118 -25.75 4.11 17.78
N GLN B 119 -25.61 4.46 16.50
CA GLN B 119 -26.69 5.16 15.80
C GLN B 119 -27.14 4.42 14.54
N ILE B 120 -27.01 3.10 14.56
CA ILE B 120 -27.01 2.32 13.33
C ILE B 120 -28.33 2.33 12.56
N HIS B 121 -29.44 2.61 13.24
CA HIS B 121 -30.73 2.77 12.59
C HIS B 121 -30.71 3.93 11.56
N CYS B 122 -29.74 4.84 11.69
CA CYS B 122 -29.61 6.00 10.78
C CYS B 122 -28.88 5.63 9.48
N ILE B 123 -28.37 4.41 9.39
CA ILE B 123 -27.35 4.07 8.39
C ILE B 123 -27.75 2.90 7.49
N GLU B 124 -27.69 3.14 6.18
CA GLU B 124 -27.98 2.08 5.21
C GLU B 124 -26.78 1.16 5.05
N ASP B 125 -25.61 1.74 4.78
CA ASP B 125 -24.35 1.02 4.71
C ASP B 125 -23.18 1.95 4.92
N MSE B 126 -21.99 1.36 4.95
CA MSE B 126 -20.75 2.11 5.09
C MSE B 126 -19.67 1.58 4.15
O MSE B 126 -19.49 0.37 4.00
CB MSE B 126 -20.24 2.01 6.54
CG MSE B 126 -21.10 2.77 7.51
SE MSE B 126 -20.91 2.00 9.32
CE MSE B 126 -22.20 0.56 9.17
N HIS B 127 -18.98 2.50 3.50
CA HIS B 127 -17.78 2.19 2.73
C HIS B 127 -16.64 3.09 3.20
N PHE B 128 -15.61 2.50 3.79
CA PHE B 128 -14.47 3.26 4.30
C PHE B 128 -13.15 2.82 3.74
N MSE B 129 -12.28 3.80 3.50
CA MSE B 129 -10.86 3.55 3.38
C MSE B 129 -10.22 3.55 4.77
O MSE B 129 -10.32 4.53 5.49
CB MSE B 129 -10.19 4.65 2.54
CG MSE B 129 -8.72 4.44 2.34
SE MSE B 129 -8.32 3.07 0.97
CE MSE B 129 -8.76 4.18 -0.60
N LEU B 130 -9.55 2.45 5.11
CA LEU B 130 -8.92 2.29 6.42
C LEU B 130 -7.53 1.69 6.23
N GLN B 131 -6.68 1.77 7.25
CA GLN B 131 -5.43 1.03 7.16
C GLN B 131 -5.82 -0.45 7.02
N LYS B 132 -5.08 -1.18 6.18
CA LYS B 132 -5.42 -2.58 5.87
C LYS B 132 -5.55 -3.42 7.16
N GLU B 133 -4.69 -3.13 8.13
CA GLU B 133 -4.69 -3.85 9.39
C GLU B 133 -6.05 -3.78 10.09
N VAL B 134 -6.66 -2.60 10.04
CA VAL B 134 -7.96 -2.44 10.68
C VAL B 134 -8.99 -3.28 9.97
N VAL B 135 -8.88 -3.32 8.64
CA VAL B 135 -9.82 -4.07 7.82
C VAL B 135 -9.73 -5.58 8.11
N ARG B 136 -8.51 -6.07 8.24
CA ARG B 136 -8.28 -7.46 8.60
C ARG B 136 -8.87 -7.76 9.98
N ARG B 137 -8.78 -6.81 10.90
CA ARG B 137 -9.34 -7.01 12.23
C ARG B 137 -10.89 -7.06 12.21
N ILE B 138 -11.50 -6.11 11.50
CA ILE B 138 -12.95 -6.12 11.36
C ILE B 138 -13.49 -7.44 10.77
N THR B 139 -12.77 -7.97 9.79
CA THR B 139 -13.27 -9.13 9.06
C THR B 139 -12.61 -10.42 9.52
N ALA B 140 -11.98 -10.38 10.70
CA ALA B 140 -11.21 -11.53 11.19
C ALA B 140 -12.06 -12.78 11.40
N GLU B 141 -11.49 -13.93 11.09
CA GLU B 141 -12.12 -15.21 11.38
C GLU B 141 -12.02 -15.48 12.88
N VAL B 142 -13.05 -16.10 13.43
CA VAL B 142 -13.02 -16.53 14.83
C VAL B 142 -11.73 -17.31 15.10
N GLY B 143 -11.07 -16.99 16.20
CA GLY B 143 -9.87 -17.72 16.62
C GLY B 143 -8.58 -17.14 16.09
N SER B 144 -8.68 -16.19 15.17
CA SER B 144 -7.51 -15.57 14.56
C SER B 144 -6.84 -14.56 15.49
N HIS B 145 -5.56 -14.33 15.27
CA HIS B 145 -4.86 -13.32 16.06
C HIS B 145 -5.43 -11.92 15.78
N ASP B 146 -6.13 -11.76 14.66
CA ASP B 146 -6.78 -10.48 14.34
C ASP B 146 -8.17 -10.37 14.95
N TYR B 147 -8.68 -11.48 15.47
CA TYR B 147 -10.05 -11.51 15.98
C TYR B 147 -10.10 -11.01 17.43
N GLY B 148 -10.79 -9.89 17.64
CA GLY B 148 -10.84 -9.27 18.94
C GLY B 148 -12.11 -8.46 19.16
N ARG B 149 -12.05 -7.51 20.10
CA ARG B 149 -13.21 -6.69 20.43
C ARG B 149 -13.80 -5.99 19.21
N LEU B 150 -12.94 -5.44 18.35
CA LEU B 150 -13.41 -4.77 17.14
C LEU B 150 -14.14 -5.74 16.22
N SER B 151 -13.51 -6.88 15.98
CA SER B 151 -14.11 -7.94 15.20
C SER B 151 -15.49 -8.28 15.71
N VAL B 152 -15.58 -8.52 17.02
CA VAL B 152 -16.82 -9.02 17.59
C VAL B 152 -17.96 -7.99 17.49
N MSE B 153 -17.68 -6.74 17.85
CA MSE B 153 -18.71 -5.70 17.82
C MSE B 153 -19.12 -5.38 16.37
O MSE B 153 -20.29 -5.23 16.06
CB MSE B 153 -18.27 -4.44 18.57
CG MSE B 153 -17.96 -4.65 20.05
SE MSE B 153 -19.39 -5.59 21.03
CE MSE B 153 -20.86 -4.32 20.62
N ALA B 154 -18.14 -5.32 15.47
CA ALA B 154 -18.44 -4.98 14.08
C ALA B 154 -19.23 -6.10 13.40
N GLN B 155 -18.91 -7.34 13.74
CA GLN B 155 -19.59 -8.46 13.11
C GLN B 155 -20.93 -8.72 13.77
N TYR B 156 -21.11 -8.25 15.01
CA TYR B 156 -22.45 -8.27 15.59
C TYR B 156 -23.33 -7.29 14.83
N PHE B 157 -22.86 -6.07 14.64
CA PHE B 157 -23.68 -5.03 14.02
C PHE B 157 -23.84 -5.16 12.50
N CYS B 158 -22.77 -5.60 11.83
CA CYS B 158 -22.75 -5.63 10.37
C CYS B 158 -22.21 -6.90 9.74
N ASP B 159 -22.58 -7.11 8.48
CA ASP B 159 -21.85 -8.01 7.59
C ASP B 159 -20.79 -7.19 6.90
N ASN B 160 -19.54 -7.62 7.08
CA ASN B 160 -18.38 -6.84 6.66
C ASN B 160 -17.61 -7.53 5.57
N THR B 161 -17.11 -6.75 4.61
CA THR B 161 -16.45 -7.29 3.43
C THR B 161 -15.25 -6.44 3.02
N TYR B 162 -14.07 -7.06 3.00
CA TYR B 162 -12.88 -6.44 2.46
C TYR B 162 -13.05 -6.41 0.94
N LEU B 163 -12.87 -5.24 0.33
CA LEU B 163 -13.10 -5.11 -1.11
C LEU B 163 -11.81 -5.10 -1.94
N PHE B 164 -10.87 -4.26 -1.56
CA PHE B 164 -9.54 -4.26 -2.19
C PHE B 164 -8.49 -3.48 -1.41
N THR B 165 -7.23 -3.75 -1.74
CA THR B 165 -6.10 -3.09 -1.12
C THR B 165 -5.70 -1.85 -1.91
N VAL B 166 -5.18 -0.86 -1.21
CA VAL B 166 -4.69 0.35 -1.86
C VAL B 166 -3.27 0.65 -1.41
N SER B 167 -2.36 0.79 -2.37
CA SER B 167 -0.95 1.10 -2.08
C SER B 167 -0.74 2.52 -1.58
N PRO B 168 0.35 2.73 -0.85
CA PRO B 168 0.67 4.07 -0.35
C PRO B 168 0.79 5.10 -1.48
N GLN B 169 1.18 4.68 -2.68
CA GLN B 169 1.43 5.61 -3.78
C GLN B 169 0.16 6.30 -4.30
N ALA B 170 -0.99 5.85 -3.82
CA ALA B 170 -2.27 6.42 -4.21
C ALA B 170 -2.59 7.70 -3.44
N PHE B 171 -1.83 7.96 -2.37
CA PHE B 171 -2.11 9.08 -1.46
C PHE B 171 -1.03 10.15 -1.47
N THR B 172 -1.42 11.36 -1.12
CA THR B 172 -0.50 12.47 -0.89
C THR B 172 -0.71 13.09 0.50
N PRO B 173 0.32 13.04 1.37
CA PRO B 173 1.53 12.24 1.19
C PRO B 173 1.18 10.78 1.39
N PRO B 174 2.09 9.88 1.04
CA PRO B 174 1.82 8.45 1.18
C PRO B 174 1.91 7.98 2.63
N PRO B 175 0.97 7.12 3.06
CA PRO B 175 1.10 6.48 4.38
C PRO B 175 2.25 5.46 4.38
N ARG B 176 2.56 4.89 5.54
CA ARG B 176 3.68 3.96 5.66
C ARG B 176 3.25 2.54 5.37
N VAL B 177 1.93 2.33 5.31
CA VAL B 177 1.38 0.98 5.21
C VAL B 177 0.29 0.87 4.16
N GLU B 178 -0.11 -0.37 3.87
CA GLU B 178 -1.20 -0.62 2.95
C GLU B 178 -2.52 -0.18 3.56
N SER B 179 -3.41 0.31 2.69
CA SER B 179 -4.75 0.68 3.08
C SER B 179 -5.72 -0.27 2.40
N ALA B 180 -7.00 -0.16 2.72
CA ALA B 180 -8.00 -1.01 2.09
C ALA B 180 -9.38 -0.41 2.19
N ILE B 181 -10.24 -0.76 1.24
CA ILE B 181 -11.64 -0.40 1.28
C ILE B 181 -12.43 -1.54 1.89
N ILE B 182 -13.30 -1.19 2.84
CA ILE B 182 -14.19 -2.15 3.45
C ILE B 182 -15.63 -1.69 3.34
N ARG B 183 -16.51 -2.67 3.15
CA ARG B 183 -17.95 -2.46 3.15
C ARG B 183 -18.55 -3.01 4.44
N LEU B 184 -19.35 -2.19 5.13
CA LEU B 184 -20.08 -2.64 6.30
C LEU B 184 -21.57 -2.42 6.09
N ILE B 185 -22.35 -3.48 6.24
CA ILE B 185 -23.79 -3.42 6.05
C ILE B 185 -24.51 -3.88 7.31
N PRO B 186 -25.26 -2.97 7.94
CA PRO B 186 -26.00 -3.37 9.13
C PRO B 186 -26.82 -4.63 8.90
N ARG B 187 -26.74 -5.55 9.86
CA ARG B 187 -27.48 -6.80 9.81
C ARG B 187 -28.92 -6.59 10.23
N HIS B 188 -29.80 -7.43 9.69
CA HIS B 188 -31.18 -7.53 10.13
C HIS B 188 -31.54 -9.02 10.15
N ASN B 189 -32.66 -9.37 10.75
CA ASN B 189 -33.26 -10.71 10.63
C ASN B 189 -32.49 -11.86 11.28
N PHE B 190 -31.57 -11.55 12.20
CA PHE B 190 -30.80 -12.59 12.86
C PHE B 190 -31.30 -12.90 14.29
N THR B 191 -30.98 -14.10 14.77
CA THR B 191 -31.28 -14.53 16.13
C THR B 191 -30.10 -15.37 16.60
N PRO B 192 -29.72 -15.26 17.89
CA PRO B 192 -30.30 -14.39 18.91
C PRO B 192 -29.86 -12.93 18.81
N VAL B 193 -30.68 -12.05 19.36
CA VAL B 193 -30.34 -10.64 19.44
C VAL B 193 -29.82 -10.36 20.83
N ALA B 194 -28.86 -9.46 20.95
CA ALA B 194 -28.44 -9.00 22.26
C ALA B 194 -29.51 -8.05 22.79
N LYS B 195 -30.17 -8.46 23.88
CA LYS B 195 -31.25 -7.66 24.45
C LYS B 195 -30.77 -6.31 24.97
N ASN B 196 -29.50 -6.24 25.37
CA ASN B 196 -28.96 -5.00 25.92
C ASN B 196 -27.59 -4.73 25.33
N LEU B 197 -27.49 -3.71 24.48
CA LEU B 197 -26.26 -3.48 23.75
C LEU B 197 -25.11 -2.99 24.63
N ASP B 198 -25.46 -2.25 25.68
CA ASP B 198 -24.44 -1.84 26.65
C ASP B 198 -23.86 -3.04 27.39
N GLN B 199 -24.71 -4.01 27.70
CA GLN B 199 -24.23 -5.22 28.36
C GLN B 199 -23.30 -5.97 27.41
N LEU B 200 -23.65 -6.02 26.12
CA LEU B 200 -22.82 -6.74 25.15
C LEU B 200 -21.46 -6.06 25.04
N SER B 201 -21.47 -4.73 24.91
CA SER B 201 -20.21 -4.00 24.80
C SER B 201 -19.34 -4.25 26.03
N HIS B 202 -19.95 -4.26 27.21
CA HIS B 202 -19.19 -4.49 28.43
C HIS B 202 -18.62 -5.90 28.47
N VAL B 203 -19.42 -6.89 28.15
CA VAL B 203 -18.94 -8.26 28.10
C VAL B 203 -17.73 -8.41 27.18
N VAL B 204 -17.83 -7.86 25.98
CA VAL B 204 -16.80 -8.06 24.96
C VAL B 204 -15.53 -7.29 25.34
N LYS B 205 -15.69 -6.08 25.85
CA LYS B 205 -14.55 -5.29 26.30
C LYS B 205 -13.81 -6.01 27.43
N GLU B 206 -14.56 -6.51 28.41
CA GLU B 206 -13.96 -7.25 29.52
C GLU B 206 -13.25 -8.49 29.00
N ALA B 207 -13.95 -9.25 28.15
CA ALA B 207 -13.38 -10.49 27.61
C ALA B 207 -12.02 -10.29 26.95
N PHE B 208 -11.87 -9.22 26.18
CA PHE B 208 -10.64 -9.01 25.42
C PHE B 208 -9.63 -8.10 26.12
N SER B 209 -9.94 -7.70 27.35
CA SER B 209 -9.04 -6.87 28.14
C SER B 209 -7.68 -7.54 28.30
N TYR B 210 -7.70 -8.80 28.68
CA TYR B 210 -6.49 -9.61 28.77
C TYR B 210 -6.66 -10.80 27.85
N ARG B 211 -6.11 -10.68 26.65
CA ARG B 211 -6.29 -11.66 25.58
C ARG B 211 -5.91 -13.08 25.96
N ARG B 212 -4.92 -13.23 26.84
CA ARG B 212 -4.44 -14.56 27.17
C ARG B 212 -5.15 -15.23 28.36
N LYS B 213 -6.12 -14.54 28.96
CA LYS B 213 -6.91 -15.23 29.98
C LYS B 213 -7.87 -16.21 29.32
N THR B 214 -8.25 -17.26 30.04
CA THR B 214 -9.38 -18.05 29.58
C THR B 214 -10.59 -17.14 29.72
N VAL B 215 -11.63 -17.37 28.95
CA VAL B 215 -12.83 -16.55 29.07
C VAL B 215 -13.47 -16.73 30.45
N GLY B 216 -13.31 -17.93 31.02
CA GLY B 216 -13.81 -18.20 32.35
C GLY B 216 -13.17 -17.25 33.36
N ASN B 217 -11.85 -17.10 33.25
CA ASN B 217 -11.13 -16.18 34.12
C ASN B 217 -11.44 -14.72 33.80
N ALA B 218 -11.40 -14.38 32.51
CA ALA B 218 -11.68 -13.01 32.07
C ALA B 218 -13.01 -12.51 32.61
N LEU B 219 -14.01 -13.39 32.59
CA LEU B 219 -15.37 -12.99 32.92
C LEU B 219 -15.82 -13.52 34.29
N LYS B 220 -14.85 -13.82 35.15
CA LYS B 220 -15.14 -14.42 36.45
C LYS B 220 -16.05 -13.54 37.32
N LYS B 221 -16.04 -12.24 37.07
CA LYS B 221 -16.90 -11.33 37.83
C LYS B 221 -18.32 -11.23 37.26
N LEU B 222 -18.55 -11.87 36.12
CA LEU B 222 -19.82 -11.74 35.41
C LEU B 222 -20.50 -13.09 35.31
N ILE B 223 -19.71 -14.13 35.09
CA ILE B 223 -20.26 -15.45 34.90
C ILE B 223 -19.63 -16.41 35.88
N ASN B 224 -20.46 -17.12 36.64
CA ASN B 224 -19.94 -18.09 37.58
C ASN B 224 -19.85 -19.49 36.95
N PRO B 225 -19.05 -20.37 37.56
CA PRO B 225 -18.73 -21.65 36.94
C PRO B 225 -19.95 -22.48 36.51
N SER B 226 -21.04 -22.42 37.27
CA SER B 226 -22.21 -23.25 36.95
C SER B 226 -23.00 -22.73 35.75
N GLN B 227 -22.70 -21.51 35.31
CA GLN B 227 -23.42 -20.90 34.19
C GLN B 227 -22.85 -21.28 32.80
N TRP B 228 -21.57 -21.63 32.74
CA TRP B 228 -20.96 -21.90 31.44
C TRP B 228 -21.64 -23.03 30.67
N PRO B 229 -22.03 -24.11 31.36
CA PRO B 229 -22.75 -25.20 30.68
C PRO B 229 -24.11 -24.76 30.14
N LEU B 230 -24.74 -23.79 30.80
CA LEU B 230 -26.03 -23.27 30.36
C LEU B 230 -25.89 -22.56 29.02
N LEU B 231 -24.72 -21.96 28.82
CA LEU B 231 -24.39 -21.22 27.59
C LEU B 231 -23.79 -22.13 26.52
N GLU B 232 -23.47 -23.36 26.90
CA GLU B 232 -22.79 -24.30 26.01
C GLU B 232 -21.50 -23.68 25.49
N ILE B 233 -20.81 -22.98 26.38
CA ILE B 233 -19.48 -22.43 26.09
C ILE B 233 -18.45 -23.10 27.00
N ASN B 234 -17.32 -23.49 26.40
CA ASN B 234 -16.18 -24.03 27.14
C ASN B 234 -15.36 -22.92 27.79
N PRO B 235 -15.45 -22.78 29.12
CA PRO B 235 -14.81 -21.63 29.76
C PRO B 235 -13.28 -21.70 29.74
N GLN B 236 -12.71 -22.84 29.32
CA GLN B 236 -11.26 -22.98 29.24
C GLN B 236 -10.69 -22.36 27.95
N LEU B 237 -11.56 -22.06 27.00
CA LEU B 237 -11.14 -21.36 25.79
C LEU B 237 -10.78 -19.89 26.08
N ARG B 238 -9.81 -19.37 25.33
CA ARG B 238 -9.55 -17.94 25.35
C ARG B 238 -10.65 -17.24 24.58
N PRO B 239 -10.89 -15.96 24.89
CA PRO B 239 -12.03 -15.25 24.28
C PRO B 239 -11.95 -15.20 22.76
N GLN B 240 -10.75 -15.21 22.17
CA GLN B 240 -10.65 -15.13 20.71
C GLN B 240 -11.23 -16.36 20.03
N GLU B 241 -11.52 -17.41 20.82
CA GLU B 241 -12.06 -18.66 20.29
C GLU B 241 -13.59 -18.69 20.32
N LEU B 242 -14.20 -17.67 20.93
CA LEU B 242 -15.66 -17.59 20.98
C LEU B 242 -16.26 -16.88 19.77
N THR B 243 -17.41 -17.38 19.31
CA THR B 243 -18.12 -16.76 18.20
C THR B 243 -18.88 -15.54 18.69
N VAL B 244 -19.32 -14.72 17.74
CA VAL B 244 -20.15 -13.56 18.06
C VAL B 244 -21.41 -13.97 18.85
N GLU B 245 -22.07 -15.03 18.38
CA GLU B 245 -23.24 -15.55 19.07
C GLU B 245 -22.93 -15.96 20.52
N ASP B 246 -21.77 -16.56 20.73
CA ASP B 246 -21.34 -16.89 22.08
C ASP B 246 -21.38 -15.63 22.95
N PHE B 247 -20.84 -14.53 22.44
CA PHE B 247 -20.78 -13.31 23.23
C PHE B 247 -22.19 -12.74 23.46
N VAL B 248 -23.06 -12.94 22.49
CA VAL B 248 -24.44 -12.51 22.61
C VAL B 248 -25.13 -13.34 23.71
N LYS B 249 -24.84 -14.64 23.72
CA LYS B 249 -25.41 -15.51 24.74
C LYS B 249 -24.96 -15.11 26.15
N ILE B 250 -23.68 -14.77 26.29
CA ILE B 250 -23.15 -14.31 27.57
C ILE B 250 -23.90 -13.06 27.99
N SER B 251 -24.01 -12.13 27.06
CA SER B 251 -24.68 -10.85 27.33
C SER B 251 -26.11 -11.08 27.84
N ASN B 252 -26.82 -11.99 27.18
CA ASN B 252 -28.24 -12.19 27.48
C ASN B 252 -28.52 -12.85 28.84
N ILE B 253 -27.61 -13.69 29.31
CA ILE B 253 -27.84 -14.36 30.58
C ILE B 253 -27.67 -13.40 31.75
N LEU B 254 -27.11 -12.23 31.46
CA LEU B 254 -26.84 -11.21 32.49
C LEU B 254 -27.92 -10.14 32.65
N ASN B 255 -28.80 -10.03 31.65
CA ASN B 255 -29.75 -8.91 31.60
C ASN B 255 -30.92 -8.95 32.59
N GLN C 9 -18.34 23.70 31.52
CA GLN C 9 -16.93 23.50 31.82
C GLN C 9 -16.38 22.18 31.30
N HIS C 10 -15.21 22.25 30.67
CA HIS C 10 -14.56 21.06 30.11
C HIS C 10 -13.33 20.69 30.95
N PHE C 11 -13.40 19.56 31.64
CA PHE C 11 -12.31 19.11 32.52
C PHE C 11 -11.38 18.20 31.76
N LEU C 12 -10.08 18.51 31.78
CA LEU C 12 -9.09 17.67 31.11
C LEU C 12 -8.89 16.36 31.89
N HIS C 13 -8.96 15.22 31.21
CA HIS C 13 -8.78 13.93 31.89
C HIS C 13 -7.71 13.01 31.26
N ASP C 14 -7.25 13.37 30.07
CA ASP C 14 -6.30 12.53 29.34
C ASP C 14 -4.90 12.70 29.90
N SER C 15 -4.33 11.62 30.42
CA SER C 15 -3.05 11.70 31.13
C SER C 15 -1.88 12.07 30.20
N PHE C 16 -1.97 11.65 28.95
CA PHE C 16 -0.91 11.99 27.99
C PHE C 16 -0.87 13.50 27.73
N VAL C 17 -2.04 14.09 27.48
CA VAL C 17 -2.13 15.52 27.29
C VAL C 17 -1.63 16.26 28.54
N LEU C 18 -2.10 15.79 29.70
CA LEU C 18 -1.72 16.43 30.96
C LEU C 18 -0.21 16.43 31.14
N GLN C 19 0.43 15.28 30.93
CA GLN C 19 1.89 15.23 31.05
C GLN C 19 2.56 16.10 29.98
N LYS C 20 2.00 16.13 28.77
CA LYS C 20 2.56 16.99 27.71
C LYS C 20 2.55 18.45 28.13
N ILE C 21 1.48 18.86 28.82
CA ILE C 21 1.39 20.22 29.35
C ILE C 21 2.46 20.50 30.43
N VAL C 22 2.64 19.56 31.34
CA VAL C 22 3.67 19.69 32.36
C VAL C 22 5.04 19.85 31.72
N SER C 23 5.30 19.07 30.68
CA SER C 23 6.57 19.13 29.96
C SER C 23 6.79 20.47 29.26
N ALA C 24 5.75 21.02 28.65
CA ALA C 24 5.86 22.33 28.02
C ALA C 24 6.21 23.41 29.04
N ILE C 25 5.50 23.39 30.17
CA ILE C 25 5.74 24.36 31.24
C ILE C 25 7.12 24.16 31.87
N HIS C 26 7.48 22.90 32.08
CA HIS C 26 8.71 22.53 32.78
C HIS C 26 8.78 23.26 34.13
N PRO C 27 7.82 22.99 35.01
CA PRO C 27 7.79 23.69 36.31
C PRO C 27 9.04 23.33 37.11
N GLN C 28 9.61 24.31 37.80
CA GLN C 28 10.74 24.07 38.70
C GLN C 28 10.38 24.53 40.11
N LYS C 29 11.03 23.93 41.10
CA LYS C 29 10.73 24.28 42.49
C LYS C 29 11.19 25.69 42.85
N THR C 30 11.81 26.40 41.90
CA THR C 30 12.04 27.83 42.05
C THR C 30 10.75 28.59 41.75
N ASP C 31 9.80 27.94 41.09
CA ASP C 31 8.65 28.64 40.52
C ASP C 31 7.44 28.82 41.44
N THR C 32 6.75 29.94 41.29
CA THR C 32 5.44 30.11 41.87
C THR C 32 4.44 30.11 40.71
N LEU C 33 3.50 29.19 40.74
CA LEU C 33 2.50 29.09 39.66
C LEU C 33 1.11 29.52 40.10
N VAL C 34 0.38 30.14 39.18
CA VAL C 34 -1.02 30.44 39.44
C VAL C 34 -1.85 29.77 38.35
N GLU C 35 -2.73 28.85 38.76
CA GLU C 35 -3.55 28.10 37.81
C GLU C 35 -4.97 28.63 37.80
N ILE C 36 -5.40 29.10 36.63
CA ILE C 36 -6.75 29.59 36.44
C ILE C 36 -7.57 28.51 35.76
N GLY C 37 -8.74 28.21 36.33
CA GLY C 37 -9.60 27.15 35.82
C GLY C 37 -9.03 25.75 36.06
N PRO C 38 -8.73 25.42 37.32
CA PRO C 38 -8.11 24.15 37.71
C PRO C 38 -9.03 22.93 37.54
N GLY C 39 -10.32 23.15 37.40
CA GLY C 39 -11.26 22.05 37.25
C GLY C 39 -11.26 21.15 38.48
N ARG C 40 -11.08 19.85 38.27
CA ARG C 40 -10.96 18.91 39.40
C ARG C 40 -9.53 18.86 39.93
N GLY C 41 -8.62 19.57 39.28
CA GLY C 41 -7.21 19.53 39.66
C GLY C 41 -6.45 18.44 38.93
N ALA C 42 -6.91 18.08 37.74
CA ALA C 42 -6.22 17.07 36.94
C ALA C 42 -4.80 17.48 36.65
N LEU C 43 -4.61 18.74 36.29
CA LEU C 43 -3.27 19.24 36.00
C LEU C 43 -2.56 19.59 37.31
N THR C 44 -3.32 20.20 38.22
CA THR C 44 -2.81 20.55 39.55
C THR C 44 -2.08 19.39 40.21
N ASP C 45 -2.61 18.18 40.07
CA ASP C 45 -2.00 17.01 40.71
C ASP C 45 -0.61 16.69 40.19
N TYR C 46 -0.33 17.07 38.94
CA TYR C 46 1.00 16.96 38.36
C TYR C 46 1.91 18.08 38.84
N LEU C 47 1.35 19.28 38.90
CA LEU C 47 2.12 20.48 39.14
C LEU C 47 2.58 20.61 40.60
N LEU C 48 1.79 20.12 41.53
CA LEU C 48 2.07 20.39 42.95
C LEU C 48 3.38 19.79 43.45
N THR C 49 3.86 18.73 42.79
CA THR C 49 5.16 18.17 43.17
C THR C 49 6.34 18.87 42.50
N GLU C 50 6.06 19.78 41.57
CA GLU C 50 7.12 20.36 40.73
C GLU C 50 7.48 21.81 41.01
N CYS C 51 6.74 22.48 41.87
CA CYS C 51 6.98 23.91 42.11
C CYS C 51 6.95 24.30 43.59
N ASP C 52 7.35 25.53 43.89
CA ASP C 52 7.42 26.01 45.27
C ASP C 52 6.03 26.28 45.88
N ASN C 53 5.20 27.01 45.13
CA ASN C 53 3.85 27.33 45.56
C ASN C 53 2.94 27.36 44.35
N LEU C 54 1.70 26.92 44.54
CA LEU C 54 0.73 26.88 43.45
C LEU C 54 -0.55 27.46 43.99
N ALA C 55 -0.97 28.59 43.43
CA ALA C 55 -2.23 29.21 43.80
C ALA C 55 -3.28 28.89 42.74
N LEU C 56 -4.47 28.49 43.17
CA LEU C 56 -5.56 28.23 42.25
C LEU C 56 -6.57 29.37 42.33
N VAL C 57 -6.99 29.86 41.16
CA VAL C 57 -8.01 30.89 41.09
C VAL C 57 -9.26 30.37 40.38
N GLU C 58 -10.41 30.47 41.04
CA GLU C 58 -11.65 29.90 40.53
C GLU C 58 -12.86 30.63 41.13
N ILE C 59 -13.80 31.03 40.29
CA ILE C 59 -14.95 31.79 40.79
C ILE C 59 -16.10 30.91 41.30
N ASP C 60 -16.17 29.66 40.83
CA ASP C 60 -17.31 28.80 41.20
C ASP C 60 -17.23 28.27 42.64
N ARG C 61 -18.27 28.53 43.41
CA ARG C 61 -18.24 28.20 44.84
C ARG C 61 -18.14 26.69 45.03
N ASP C 62 -18.85 25.94 44.20
CA ASP C 62 -18.86 24.48 44.36
C ASP C 62 -17.50 23.88 44.01
N LEU C 63 -16.92 24.33 42.91
CA LEU C 63 -15.60 23.89 42.52
C LEU C 63 -14.55 24.18 43.60
N VAL C 64 -14.61 25.39 44.14
CA VAL C 64 -13.69 25.82 45.20
C VAL C 64 -13.86 24.94 46.45
N ALA C 65 -15.11 24.69 46.83
CA ALA C 65 -15.38 23.82 47.96
C ALA C 65 -14.80 22.43 47.75
N PHE C 66 -14.91 21.91 46.54
CA PHE C 66 -14.33 20.60 46.25
C PHE C 66 -12.80 20.67 46.35
N LEU C 67 -12.22 21.73 45.78
CA LEU C 67 -10.78 21.91 45.78
C LEU C 67 -10.24 22.02 47.21
N GLN C 68 -11.00 22.70 48.07
CA GLN C 68 -10.58 22.90 49.46
C GLN C 68 -10.56 21.58 50.22
N LYS C 69 -11.55 20.71 49.96
CA LYS C 69 -11.58 19.41 50.59
C LYS C 69 -10.42 18.58 50.08
N LYS C 70 -10.14 18.73 48.79
CA LYS C 70 -9.09 17.93 48.17
C LYS C 70 -7.67 18.31 48.64
N TYR C 71 -7.42 19.59 48.83
CA TYR C 71 -6.04 20.08 49.00
C TYR C 71 -5.74 20.74 50.35
N ASN C 72 -6.62 20.61 51.33
CA ASN C 72 -6.40 21.32 52.59
C ASN C 72 -5.23 20.78 53.42
N GLN C 73 -4.69 19.62 53.03
CA GLN C 73 -3.52 19.02 53.66
C GLN C 73 -2.26 19.25 52.80
N GLN C 74 -2.42 19.96 51.70
CA GLN C 74 -1.31 20.15 50.77
C GLN C 74 -0.66 21.51 51.01
N LYS C 75 0.52 21.49 51.60
CA LYS C 75 1.21 22.72 52.04
C LYS C 75 1.41 23.76 50.94
N ASN C 76 1.75 23.33 49.75
CA ASN C 76 2.09 24.28 48.72
C ASN C 76 0.96 24.67 47.79
N ILE C 77 -0.28 24.32 48.16
CA ILE C 77 -1.47 24.75 47.44
C ILE C 77 -2.23 25.83 48.21
N THR C 78 -2.57 26.90 47.50
CA THR C 78 -3.39 27.95 48.06
C THR C 78 -4.56 28.18 47.10
N ILE C 79 -5.75 28.38 47.64
CA ILE C 79 -6.96 28.43 46.82
C ILE C 79 -7.71 29.75 46.97
N TYR C 80 -7.92 30.42 45.85
CA TYR C 80 -8.62 31.70 45.83
C TYR C 80 -10.00 31.58 45.17
N GLN C 81 -11.04 31.85 45.94
CA GLN C 81 -12.36 32.01 45.33
C GLN C 81 -12.52 33.45 44.87
N ASN C 82 -12.19 33.71 43.62
CA ASN C 82 -12.20 35.05 43.11
C ASN C 82 -12.50 35.06 41.63
N ASP C 83 -12.87 36.24 41.14
CA ASP C 83 -13.04 36.47 39.71
C ASP C 83 -11.70 36.76 39.07
N ALA C 84 -11.23 35.84 38.23
CA ALA C 84 -9.90 35.98 37.61
C ALA C 84 -9.78 37.26 36.78
N LEU C 85 -10.91 37.74 36.26
CA LEU C 85 -10.94 38.95 35.43
C LEU C 85 -10.67 40.19 36.25
N GLN C 86 -10.79 40.06 37.57
CA GLN C 86 -10.60 41.18 38.47
C GLN C 86 -9.41 40.96 39.39
N PHE C 87 -8.85 39.75 39.35
CA PHE C 87 -7.80 39.37 40.30
C PHE C 87 -6.55 40.25 40.22
N ASP C 88 -6.07 40.72 41.38
CA ASP C 88 -4.82 41.46 41.44
C ASP C 88 -3.67 40.46 41.63
N PHE C 89 -2.98 40.13 40.55
CA PHE C 89 -1.93 39.11 40.61
C PHE C 89 -0.72 39.55 41.44
N SER C 90 -0.65 40.85 41.71
CA SER C 90 0.38 41.40 42.59
C SER C 90 0.10 41.09 44.06
N SER C 91 -1.13 40.68 44.38
CA SER C 91 -1.47 40.28 45.75
C SER C 91 -0.91 38.89 46.11
N VAL C 92 -0.40 38.18 45.12
CA VAL C 92 0.33 36.96 45.38
C VAL C 92 1.77 37.39 45.59
N LYS C 93 2.11 37.66 46.86
CA LYS C 93 3.39 38.26 47.20
C LYS C 93 4.52 37.24 47.18
N THR C 94 5.39 37.38 46.18
CA THR C 94 6.57 36.57 46.09
C THR C 94 7.66 37.44 45.48
N ASP C 95 8.91 37.01 45.55
CA ASP C 95 10.01 37.82 45.08
C ASP C 95 10.10 37.92 43.57
N LYS C 96 9.61 36.90 42.87
CA LYS C 96 9.76 36.84 41.43
C LYS C 96 8.42 36.86 40.70
N PRO C 97 8.45 37.20 39.40
CA PRO C 97 7.25 37.14 38.55
C PRO C 97 6.61 35.75 38.56
N LEU C 98 5.29 35.70 38.46
CA LEU C 98 4.53 34.46 38.54
C LEU C 98 4.45 33.71 37.20
N ARG C 99 4.41 32.38 37.26
CA ARG C 99 4.12 31.61 36.05
C ARG C 99 2.64 31.24 36.02
N VAL C 100 1.91 31.79 35.05
CA VAL C 100 0.47 31.60 35.01
C VAL C 100 0.12 30.47 34.06
N VAL C 101 -0.85 29.66 34.46
CA VAL C 101 -1.27 28.54 33.63
C VAL C 101 -2.78 28.41 33.77
N GLY C 102 -3.40 27.64 32.88
CA GLY C 102 -4.84 27.51 32.97
C GLY C 102 -5.58 26.96 31.77
N ASN C 103 -6.89 26.86 31.93
CA ASN C 103 -7.79 26.28 30.95
C ASN C 103 -9.01 27.21 30.83
N LEU C 104 -9.09 27.95 29.73
CA LEU C 104 -10.06 29.04 29.61
C LEU C 104 -11.12 28.83 28.52
N PRO C 105 -12.38 29.14 28.84
CA PRO C 105 -13.48 29.18 27.86
C PRO C 105 -13.24 30.27 26.83
N TYR C 106 -13.87 30.16 25.66
CA TYR C 106 -13.68 31.15 24.60
C TYR C 106 -14.09 32.54 25.09
N ASN C 107 -15.19 32.60 25.82
CA ASN C 107 -15.84 33.89 26.08
C ASN C 107 -15.10 34.83 27.04
N ILE C 108 -14.18 34.29 27.83
CA ILE C 108 -13.38 35.15 28.70
C ILE C 108 -11.88 35.14 28.34
N SER C 109 -11.54 34.50 27.21
CA SER C 109 -10.17 34.37 26.79
C SER C 109 -9.55 35.73 26.52
N THR C 110 -10.18 36.53 25.66
CA THR C 110 -9.62 37.85 25.35
C THR C 110 -9.57 38.76 26.59
N PRO C 111 -10.69 38.87 27.32
CA PRO C 111 -10.65 39.76 28.49
C PRO C 111 -9.70 39.27 29.58
N LEU C 112 -9.55 37.97 29.79
CA LEU C 112 -8.57 37.51 30.77
C LEU C 112 -7.13 37.81 30.32
N LEU C 113 -6.84 37.55 29.06
CA LEU C 113 -5.50 37.85 28.53
C LEU C 113 -5.18 39.35 28.63
N PHE C 114 -6.13 40.19 28.24
CA PHE C 114 -5.92 41.63 28.29
C PHE C 114 -5.70 42.05 29.73
N HIS C 115 -6.42 41.41 30.65
CA HIS C 115 -6.28 41.73 32.06
C HIS C 115 -4.88 41.36 32.55
N LEU C 116 -4.40 40.20 32.15
CA LEU C 116 -3.05 39.79 32.51
C LEU C 116 -2.02 40.76 31.92
N PHE C 117 -2.24 41.16 30.67
CA PHE C 117 -1.33 42.10 30.02
C PHE C 117 -1.23 43.40 30.82
N SER C 118 -2.34 43.85 31.38
CA SER C 118 -2.37 45.10 32.14
C SER C 118 -1.54 44.99 33.42
N GLN C 119 -1.19 43.77 33.78
CA GLN C 119 -0.39 43.52 34.98
C GLN C 119 0.88 42.74 34.68
N ILE C 120 1.41 42.91 33.46
CA ILE C 120 2.37 41.98 32.91
C ILE C 120 3.72 41.96 33.62
N HIS C 121 4.04 43.02 34.36
CA HIS C 121 5.25 43.03 35.15
C HIS C 121 5.21 41.94 36.25
N CYS C 122 4.01 41.43 36.56
CA CYS C 122 3.83 40.39 37.58
C CYS C 122 4.09 38.98 37.03
N ILE C 123 4.30 38.88 35.73
CA ILE C 123 4.18 37.60 35.04
C ILE C 123 5.45 37.18 34.30
N GLU C 124 5.95 36.00 34.64
CA GLU C 124 7.11 35.46 33.93
C GLU C 124 6.73 34.91 32.57
N ASP C 125 5.72 34.06 32.55
CA ASP C 125 5.17 33.50 31.30
C ASP C 125 3.77 32.93 31.52
N MSE C 126 3.15 32.51 30.43
CA MSE C 126 1.81 31.95 30.46
C MSE C 126 1.70 30.72 29.57
O MSE C 126 2.18 30.71 28.43
CB MSE C 126 0.80 33.01 29.99
CG MSE C 126 0.62 34.15 30.97
SE MSE C 126 -0.09 35.71 30.04
CE MSE C 126 1.61 36.49 29.43
N HIS C 127 1.08 29.67 30.10
CA HIS C 127 0.70 28.51 29.29
C HIS C 127 -0.79 28.25 29.49
N PHE C 128 -1.57 28.34 28.42
CA PHE C 128 -3.02 28.16 28.49
C PHE C 128 -3.56 27.12 27.52
N MSE C 129 -4.55 26.37 27.98
CA MSE C 129 -5.42 25.63 27.06
C MSE C 129 -6.54 26.57 26.63
O MSE C 129 -7.28 27.08 27.48
CB MSE C 129 -6.02 24.40 27.75
CG MSE C 129 -6.93 23.58 26.83
SE MSE C 129 -5.88 22.43 25.65
CE MSE C 129 -5.40 21.10 27.01
N LEU C 130 -6.68 26.78 25.33
CA LEU C 130 -7.74 27.61 24.77
C LEU C 130 -8.37 26.88 23.60
N GLN C 131 -9.49 27.39 23.11
CA GLN C 131 -10.06 26.85 21.88
C GLN C 131 -9.06 27.14 20.77
N LYS C 132 -8.90 26.19 19.86
CA LYS C 132 -7.84 26.29 18.85
C LYS C 132 -7.94 27.60 18.07
N GLU C 133 -9.17 28.04 17.81
CA GLU C 133 -9.39 29.24 17.02
C GLU C 133 -8.77 30.45 17.71
N VAL C 134 -8.87 30.50 19.03
CA VAL C 134 -8.28 31.59 19.79
C VAL C 134 -6.77 31.59 19.62
N VAL C 135 -6.17 30.41 19.69
CA VAL C 135 -4.74 30.29 19.52
C VAL C 135 -4.28 30.75 18.12
N ARG C 136 -5.03 30.37 17.10
CA ARG C 136 -4.75 30.79 15.73
C ARG C 136 -4.79 32.32 15.63
N ARG C 137 -5.77 32.94 16.28
CA ARG C 137 -5.88 34.39 16.27
C ARG C 137 -4.71 35.05 17.02
N ILE C 138 -4.35 34.51 18.17
CA ILE C 138 -3.22 35.08 18.91
C ILE C 138 -1.92 35.06 18.09
N THR C 139 -1.70 33.99 17.35
CA THR C 139 -0.43 33.78 16.67
C THR C 139 -0.53 34.10 15.18
N ALA C 140 -1.58 34.80 14.80
CA ALA C 140 -1.85 35.03 13.37
C ALA C 140 -0.77 35.85 12.69
N GLU C 141 -0.51 35.52 11.43
CA GLU C 141 0.41 36.28 10.60
C GLU C 141 -0.27 37.59 10.18
N VAL C 142 0.51 38.65 10.09
CA VAL C 142 -0.01 39.92 9.59
C VAL C 142 -0.70 39.68 8.26
N GLY C 143 -1.90 40.25 8.10
CA GLY C 143 -2.62 40.17 6.84
C GLY C 143 -3.67 39.07 6.76
N SER C 144 -3.56 38.06 7.62
CA SER C 144 -4.48 36.94 7.54
C SER C 144 -5.85 37.28 8.12
N HIS C 145 -6.84 36.48 7.75
CA HIS C 145 -8.19 36.62 8.28
C HIS C 145 -8.23 36.46 9.81
N ASP C 146 -7.23 35.79 10.39
CA ASP C 146 -7.18 35.59 11.85
C ASP C 146 -6.50 36.76 12.57
N TYR C 147 -5.83 37.62 11.81
CA TYR C 147 -5.05 38.71 12.40
C TYR C 147 -5.97 39.87 12.72
N GLY C 148 -6.08 40.22 14.00
CA GLY C 148 -6.98 41.28 14.43
C GLY C 148 -6.52 41.92 15.72
N ARG C 149 -7.45 42.55 16.43
CA ARG C 149 -7.15 43.24 17.68
C ARG C 149 -6.46 42.35 18.71
N LEU C 150 -6.93 41.11 18.84
CA LEU C 150 -6.31 40.17 19.77
C LEU C 150 -4.86 39.88 19.37
N SER C 151 -4.68 39.56 18.09
CA SER C 151 -3.35 39.28 17.55
C SER C 151 -2.42 40.43 17.85
N VAL C 152 -2.89 41.64 17.55
CA VAL C 152 -2.02 42.80 17.66
C VAL C 152 -1.60 43.07 19.10
N MSE C 153 -2.55 43.04 20.04
CA MSE C 153 -2.22 43.32 21.44
C MSE C 153 -1.38 42.21 22.08
O MSE C 153 -0.44 42.49 22.82
CB MSE C 153 -3.47 43.61 22.28
CG MSE C 153 -4.34 44.73 21.75
SE MSE C 153 -3.39 46.46 21.61
CE MSE C 153 -1.92 46.06 20.41
N ALA C 154 -1.70 40.97 21.75
CA ALA C 154 -0.95 39.84 22.30
C ALA C 154 0.48 39.82 21.79
N GLN C 155 0.66 40.16 20.51
CA GLN C 155 1.98 40.14 19.92
C GLN C 155 2.77 41.39 20.27
N TYR C 156 2.08 42.46 20.67
CA TYR C 156 2.80 43.60 21.24
C TYR C 156 3.37 43.24 22.62
N PHE C 157 2.55 42.61 23.46
CA PHE C 157 2.97 42.26 24.82
C PHE C 157 3.89 41.04 24.90
N CYS C 158 3.63 40.05 24.05
CA CYS C 158 4.29 38.75 24.18
C CYS C 158 4.80 38.18 22.86
N ASP C 159 5.77 37.28 23.00
CA ASP C 159 6.10 36.32 21.94
C ASP C 159 5.27 35.08 22.20
N ASN C 160 4.48 34.70 21.19
CA ASN C 160 3.44 33.70 21.38
C ASN C 160 3.68 32.50 20.49
N THR C 161 3.49 31.31 21.06
CA THR C 161 3.78 30.07 20.35
C THR C 161 2.69 29.01 20.53
N TYR C 162 2.13 28.56 19.40
CA TYR C 162 1.19 27.45 19.42
C TYR C 162 2.04 26.21 19.68
N LEU C 163 1.64 25.38 20.63
CA LEU C 163 2.45 24.22 21.01
C LEU C 163 1.91 22.90 20.45
N PHE C 164 0.62 22.65 20.66
CA PHE C 164 -0.02 21.46 20.12
C PHE C 164 -1.54 21.50 20.24
N THR C 165 -2.19 20.69 19.40
CA THR C 165 -3.64 20.61 19.36
C THR C 165 -4.14 19.50 20.29
N VAL C 166 -5.32 19.69 20.86
CA VAL C 166 -5.92 18.73 21.76
C VAL C 166 -7.35 18.41 21.29
N SER C 167 -7.61 17.12 21.08
CA SER C 167 -8.92 16.64 20.62
C SER C 167 -9.98 16.74 21.67
N PRO C 168 -11.25 16.85 21.23
CA PRO C 168 -12.32 16.98 22.22
C PRO C 168 -12.37 15.78 23.17
N GLN C 169 -11.87 14.62 22.73
CA GLN C 169 -11.97 13.39 23.53
C GLN C 169 -11.10 13.42 24.79
N ALA C 170 -10.25 14.43 24.89
CA ALA C 170 -9.39 14.59 26.06
C ALA C 170 -10.13 15.14 27.27
N PHE C 171 -11.33 15.69 27.04
CA PHE C 171 -12.07 16.41 28.08
C PHE C 171 -13.36 15.72 28.48
N THR C 172 -13.82 16.02 29.70
CA THR C 172 -15.12 15.61 30.20
C THR C 172 -15.88 16.82 30.71
N PRO C 173 -17.03 17.13 30.11
CA PRO C 173 -17.52 16.53 28.87
C PRO C 173 -16.72 17.12 27.72
N PRO C 174 -16.81 16.52 26.53
CA PRO C 174 -16.01 17.01 25.41
C PRO C 174 -16.54 18.32 24.83
N PRO C 175 -15.65 19.24 24.43
CA PRO C 175 -16.07 20.43 23.68
C PRO C 175 -16.48 20.06 22.24
N ARG C 176 -16.98 21.04 21.49
CA ARG C 176 -17.45 20.78 20.14
C ARG C 176 -16.33 20.97 19.13
N VAL C 177 -15.24 21.61 19.57
CA VAL C 177 -14.15 22.00 18.68
C VAL C 177 -12.76 21.62 19.21
N GLU C 178 -11.76 21.73 18.35
CA GLU C 178 -10.39 21.46 18.76
C GLU C 178 -9.92 22.51 19.75
N SER C 179 -9.02 22.09 20.64
CA SER C 179 -8.39 22.99 21.60
C SER C 179 -6.89 22.99 21.31
N ALA C 180 -6.16 23.86 21.99
CA ALA C 180 -4.73 23.91 21.79
C ALA C 180 -4.03 24.56 22.97
N ILE C 181 -2.78 24.17 23.16
CA ILE C 181 -1.93 24.81 24.16
C ILE C 181 -1.13 25.92 23.51
N ILE C 182 -1.11 27.08 24.16
CA ILE C 182 -0.31 28.20 23.69
C ILE C 182 0.61 28.70 24.80
N ARG C 183 1.80 29.11 24.40
CA ARG C 183 2.76 29.75 25.28
C ARG C 183 2.84 31.24 24.97
N LEU C 184 2.76 32.08 25.99
CA LEU C 184 2.95 33.52 25.81
C LEU C 184 4.05 33.98 26.74
N ILE C 185 5.07 34.63 26.18
CA ILE C 185 6.20 35.13 26.96
C ILE C 185 6.31 36.63 26.80
N PRO C 186 6.12 37.38 27.89
CA PRO C 186 6.25 38.84 27.82
C PRO C 186 7.56 39.23 27.17
N ARG C 187 7.50 40.21 26.27
CA ARG C 187 8.68 40.66 25.55
C ARG C 187 9.45 41.68 26.37
N HIS C 188 10.74 41.77 26.13
CA HIS C 188 11.60 42.82 26.68
C HIS C 188 12.53 43.27 25.56
N ASN C 189 13.21 44.40 25.76
CA ASN C 189 14.33 44.79 24.91
C ASN C 189 13.98 45.23 23.48
N PHE C 190 12.71 45.46 23.20
CA PHE C 190 12.30 45.83 21.85
C PHE C 190 12.10 47.35 21.68
N THR C 191 12.17 47.80 20.42
CA THR C 191 11.95 49.20 20.06
C THR C 191 11.28 49.24 18.69
N PRO C 192 10.32 50.16 18.49
CA PRO C 192 9.87 51.18 19.44
C PRO C 192 8.90 50.64 20.49
N VAL C 193 8.82 51.35 21.61
CA VAL C 193 7.90 51.02 22.67
C VAL C 193 6.69 51.92 22.52
N ALA C 194 5.50 51.43 22.85
CA ALA C 194 4.34 52.32 22.92
C ALA C 194 4.44 53.10 24.21
N LYS C 195 4.59 54.42 24.09
CA LYS C 195 4.75 55.30 25.23
C LYS C 195 3.50 55.32 26.11
N ASN C 196 2.34 55.08 25.51
CA ASN C 196 1.09 55.10 26.28
C ASN C 196 0.27 53.88 25.92
N LEU C 197 0.09 52.98 26.87
CA LEU C 197 -0.55 51.69 26.54
C LEU C 197 -2.04 51.84 26.32
N ASP C 198 -2.66 52.80 26.99
CA ASP C 198 -4.08 53.05 26.76
C ASP C 198 -4.30 53.61 25.35
N GLN C 199 -3.39 54.48 24.92
CA GLN C 199 -3.51 55.03 23.58
C GLN C 199 -3.39 53.91 22.56
N LEU C 200 -2.48 52.96 22.82
CA LEU C 200 -2.28 51.84 21.89
C LEU C 200 -3.54 51.00 21.82
N SER C 201 -4.10 50.67 22.98
CA SER C 201 -5.31 49.85 23.00
C SER C 201 -6.44 50.54 22.26
N HIS C 202 -6.55 51.86 22.41
CA HIS C 202 -7.61 52.61 21.74
C HIS C 202 -7.42 52.60 20.22
N VAL C 203 -6.20 52.89 19.78
CA VAL C 203 -5.89 52.86 18.36
C VAL C 203 -6.26 51.52 17.73
N VAL C 204 -5.85 50.44 18.39
CA VAL C 204 -6.05 49.11 17.84
C VAL C 204 -7.53 48.71 17.86
N LYS C 205 -8.21 49.06 18.95
CA LYS C 205 -9.63 48.75 19.05
C LYS C 205 -10.38 49.49 17.94
N GLU C 206 -10.04 50.75 17.72
CA GLU C 206 -10.71 51.54 16.70
C GLU C 206 -10.41 51.00 15.31
N ALA C 207 -9.14 50.67 15.08
CA ALA C 207 -8.73 50.20 13.77
C ALA C 207 -9.52 48.98 13.35
N PHE C 208 -9.73 48.05 14.29
CA PHE C 208 -10.37 46.78 13.95
C PHE C 208 -11.89 46.77 14.21
N SER C 209 -12.44 47.91 14.62
CA SER C 209 -13.88 48.02 14.84
C SER C 209 -14.67 47.65 13.59
N TYR C 210 -14.23 48.18 12.45
CA TYR C 210 -14.82 47.86 11.16
C TYR C 210 -13.71 47.33 10.28
N ARG C 211 -13.60 46.01 10.23
CA ARG C 211 -12.49 45.35 9.57
C ARG C 211 -12.30 45.74 8.11
N ARG C 212 -13.39 46.06 7.41
CA ARG C 212 -13.29 46.34 5.98
C ARG C 212 -12.99 47.80 5.64
N LYS C 213 -12.89 48.66 6.64
CA LYS C 213 -12.46 50.03 6.36
C LYS C 213 -10.97 50.07 6.03
N THR C 214 -10.56 51.04 5.22
CA THR C 214 -9.13 51.32 5.10
C THR C 214 -8.73 51.86 6.46
N VAL C 215 -7.46 51.71 6.82
CA VAL C 215 -7.03 52.23 8.12
C VAL C 215 -7.15 53.75 8.17
N GLY C 216 -6.98 54.41 7.02
CA GLY C 216 -7.11 55.85 6.94
C GLY C 216 -8.52 56.27 7.31
N ASN C 217 -9.50 55.52 6.82
CA ASN C 217 -10.89 55.77 7.17
C ASN C 217 -11.18 55.37 8.61
N ALA C 218 -10.71 54.19 9.01
CA ALA C 218 -10.94 53.71 10.37
C ALA C 218 -10.45 54.73 11.40
N LEU C 219 -9.28 55.31 11.13
CA LEU C 219 -8.63 56.18 12.12
C LEU C 219 -8.73 57.67 11.76
N LYS C 220 -9.69 58.01 10.90
CA LYS C 220 -9.84 59.38 10.42
C LYS C 220 -10.03 60.39 11.55
N LYS C 221 -10.55 59.94 12.68
CA LYS C 221 -10.71 60.83 13.84
C LYS C 221 -9.42 61.00 14.66
N LEU C 222 -8.38 60.26 14.29
CA LEU C 222 -7.15 60.24 15.09
C LEU C 222 -5.95 60.69 14.27
N ILE C 223 -5.94 60.30 13.01
CA ILE C 223 -4.83 60.60 12.13
C ILE C 223 -5.35 61.30 10.89
N ASN C 224 -4.85 62.50 10.60
CA ASN C 224 -5.24 63.18 9.37
C ASN C 224 -4.31 62.82 8.22
N PRO C 225 -4.78 63.07 6.99
CA PRO C 225 -4.07 62.61 5.79
C PRO C 225 -2.59 62.98 5.75
N SER C 226 -2.23 64.17 6.24
CA SER C 226 -0.85 64.62 6.19
C SER C 226 0.10 63.81 7.08
N GLN C 227 -0.45 63.02 8.00
CA GLN C 227 0.37 62.31 8.98
C GLN C 227 0.79 60.90 8.54
N TRP C 228 0.04 60.30 7.61
CA TRP C 228 0.33 58.93 7.20
C TRP C 228 1.73 58.76 6.62
N PRO C 229 2.19 59.72 5.80
CA PRO C 229 3.55 59.64 5.27
C PRO C 229 4.62 59.72 6.36
N LEU C 230 4.32 60.43 7.45
CA LEU C 230 5.27 60.54 8.55
C LEU C 230 5.46 59.19 9.23
N LEU C 231 4.42 58.37 9.20
CA LEU C 231 4.44 57.03 9.79
C LEU C 231 4.94 55.98 8.80
N GLU C 232 5.15 56.40 7.55
CA GLU C 232 5.49 55.48 6.47
C GLU C 232 4.47 54.33 6.41
N ILE C 233 3.21 54.68 6.57
CA ILE C 233 2.13 53.71 6.46
C ILE C 233 1.20 54.13 5.33
N ASN C 234 0.83 53.17 4.50
CA ASN C 234 -0.15 53.36 3.43
C ASN C 234 -1.57 53.37 3.99
N PRO C 235 -2.23 54.54 4.00
CA PRO C 235 -3.57 54.59 4.60
C PRO C 235 -4.64 53.85 3.80
N GLN C 236 -4.32 53.43 2.58
CA GLN C 236 -5.31 52.71 1.76
C GLN C 236 -5.40 51.22 2.14
N LEU C 237 -4.44 50.75 2.94
CA LEU C 237 -4.47 49.38 3.47
C LEU C 237 -5.53 49.20 4.53
N ARG C 238 -6.14 48.01 4.58
CA ARG C 238 -7.03 47.67 5.67
C ARG C 238 -6.16 47.41 6.89
N PRO C 239 -6.71 47.60 8.10
CA PRO C 239 -5.90 47.49 9.31
C PRO C 239 -5.23 46.13 9.44
N GLN C 240 -5.85 45.07 8.92
CA GLN C 240 -5.26 43.73 9.04
C GLN C 240 -3.93 43.62 8.32
N GLU C 241 -3.60 44.61 7.49
CA GLU C 241 -2.36 44.61 6.73
C GLU C 241 -1.22 45.33 7.44
N LEU C 242 -1.54 45.98 8.56
CA LEU C 242 -0.51 46.67 9.32
C LEU C 242 0.18 45.77 10.35
N THR C 243 1.48 46.00 10.52
CA THR C 243 2.28 45.30 11.52
C THR C 243 2.01 45.85 12.91
N VAL C 244 2.44 45.10 13.93
CA VAL C 244 2.34 45.55 15.31
C VAL C 244 3.08 46.89 15.48
N GLU C 245 4.26 46.98 14.89
CA GLU C 245 5.06 48.19 14.95
C GLU C 245 4.35 49.37 14.28
N ASP C 246 3.64 49.09 13.20
CA ASP C 246 2.82 50.13 12.58
C ASP C 246 1.85 50.71 13.61
N PHE C 247 1.17 49.85 14.35
CA PHE C 247 0.21 50.31 15.34
C PHE C 247 0.89 51.05 16.49
N VAL C 248 2.09 50.63 16.83
CA VAL C 248 2.86 51.32 17.85
C VAL C 248 3.23 52.72 17.34
N LYS C 249 3.60 52.81 16.07
CA LYS C 249 3.95 54.09 15.50
C LYS C 249 2.76 55.06 15.50
N ILE C 250 1.59 54.53 15.16
CA ILE C 250 0.35 55.31 15.20
C ILE C 250 0.10 55.83 16.59
N SER C 251 0.20 54.92 17.56
CA SER C 251 -0.06 55.25 18.95
C SER C 251 0.87 56.38 19.44
N ASN C 252 2.15 56.27 19.07
CA ASN C 252 3.14 57.23 19.56
C ASN C 252 3.00 58.66 18.99
N ILE C 253 2.49 58.79 17.78
CA ILE C 253 2.36 60.12 17.18
C ILE C 253 1.22 60.89 17.82
N LEU C 254 0.41 60.21 18.61
CA LEU C 254 -0.78 60.80 19.23
C LEU C 254 -0.53 61.28 20.67
N ASN C 255 0.54 60.80 21.29
CA ASN C 255 0.75 61.03 22.72
C ASN C 255 1.19 62.46 23.05
N GLN D 9 17.61 -22.62 -30.46
CA GLN D 9 16.52 -23.08 -31.29
C GLN D 9 17.01 -23.55 -32.65
N HIS D 10 16.44 -24.65 -33.15
CA HIS D 10 16.84 -25.17 -34.45
C HIS D 10 15.71 -24.98 -35.45
N PHE D 11 15.98 -24.18 -36.48
CA PHE D 11 15.00 -23.86 -37.51
C PHE D 11 15.11 -24.82 -38.68
N LEU D 12 13.99 -25.45 -39.04
CA LEU D 12 13.97 -26.35 -40.18
C LEU D 12 14.03 -25.54 -41.49
N HIS D 13 14.92 -25.91 -42.39
CA HIS D 13 15.07 -25.20 -43.66
C HIS D 13 15.02 -26.10 -44.89
N ASP D 14 15.07 -27.41 -44.70
CA ASP D 14 15.09 -28.35 -45.81
C ASP D 14 13.69 -28.51 -46.40
N SER D 15 13.54 -28.15 -47.67
CA SER D 15 12.20 -28.15 -48.29
C SER D 15 11.64 -29.56 -48.42
N PHE D 16 12.51 -30.55 -48.62
CA PHE D 16 12.04 -31.93 -48.74
C PHE D 16 11.43 -32.42 -47.44
N VAL D 17 12.11 -32.16 -46.34
CA VAL D 17 11.61 -32.52 -45.03
C VAL D 17 10.29 -31.78 -44.76
N LEU D 18 10.28 -30.49 -45.05
CA LEU D 18 9.10 -29.68 -44.80
C LEU D 18 7.90 -30.26 -45.54
N GLN D 19 8.06 -30.54 -46.83
CA GLN D 19 6.96 -31.11 -47.60
C GLN D 19 6.58 -32.50 -47.07
N LYS D 20 7.57 -33.29 -46.66
CA LYS D 20 7.27 -34.58 -46.03
C LYS D 20 6.38 -34.45 -44.81
N ILE D 21 6.61 -33.41 -44.02
CA ILE D 21 5.79 -33.17 -42.82
C ILE D 21 4.35 -32.81 -43.19
N VAL D 22 4.21 -31.93 -44.17
CA VAL D 22 2.90 -31.56 -44.69
C VAL D 22 2.12 -32.79 -45.18
N SER D 23 2.82 -33.69 -45.90
CA SER D 23 2.20 -34.91 -46.41
C SER D 23 1.75 -35.83 -45.28
N ALA D 24 2.53 -35.87 -44.21
CA ALA D 24 2.15 -36.70 -43.07
C ALA D 24 0.92 -36.16 -42.37
N ILE D 25 0.89 -34.84 -42.17
CA ILE D 25 -0.26 -34.21 -41.52
C ILE D 25 -1.50 -34.29 -42.40
N HIS D 26 -1.30 -34.09 -43.70
CA HIS D 26 -2.38 -33.97 -44.67
C HIS D 26 -3.42 -32.94 -44.20
N PRO D 27 -3.01 -31.68 -44.08
CA PRO D 27 -3.93 -30.66 -43.58
C PRO D 27 -5.07 -30.46 -44.59
N GLN D 28 -6.30 -30.29 -44.09
CA GLN D 28 -7.44 -30.01 -44.93
C GLN D 28 -8.07 -28.69 -44.51
N LYS D 29 -8.75 -28.03 -45.44
CA LYS D 29 -9.38 -26.75 -45.15
C LYS D 29 -10.51 -26.88 -44.14
N THR D 30 -10.82 -28.11 -43.74
CA THR D 30 -11.73 -28.33 -42.63
C THR D 30 -11.01 -28.11 -41.30
N ASP D 31 -9.68 -28.10 -41.35
CA ASP D 31 -8.89 -28.21 -40.11
C ASP D 31 -8.53 -26.87 -39.46
N THR D 32 -8.46 -26.88 -38.14
CA THR D 32 -7.83 -25.80 -37.40
C THR D 32 -6.53 -26.35 -36.82
N LEU D 33 -5.40 -25.73 -37.16
CA LEU D 33 -4.09 -26.18 -36.69
C LEU D 33 -3.48 -25.23 -35.65
N VAL D 34 -2.79 -25.80 -34.67
CA VAL D 34 -2.02 -25.01 -33.72
C VAL D 34 -0.57 -25.45 -33.81
N GLU D 35 0.32 -24.53 -34.18
CA GLU D 35 1.74 -24.84 -34.35
C GLU D 35 2.55 -24.26 -33.19
N ILE D 36 3.21 -25.16 -32.46
CA ILE D 36 4.11 -24.79 -31.39
C ILE D 36 5.53 -24.79 -31.91
N GLY D 37 6.27 -23.72 -31.66
CA GLY D 37 7.63 -23.61 -32.17
C GLY D 37 7.72 -23.45 -33.67
N PRO D 38 7.06 -22.41 -34.21
CA PRO D 38 7.00 -22.13 -35.65
C PRO D 38 8.32 -21.64 -36.23
N GLY D 39 9.22 -21.15 -35.39
CA GLY D 39 10.49 -20.62 -35.87
C GLY D 39 10.28 -19.40 -36.74
N ARG D 40 10.87 -19.42 -37.93
CA ARG D 40 10.67 -18.37 -38.92
C ARG D 40 9.39 -18.60 -39.72
N GLY D 41 8.72 -19.71 -39.45
CA GLY D 41 7.52 -20.08 -40.20
C GLY D 41 7.80 -20.89 -41.45
N ALA D 42 8.88 -21.68 -41.42
CA ALA D 42 9.24 -22.48 -42.58
C ALA D 42 8.13 -23.48 -42.93
N LEU D 43 7.55 -24.09 -41.91
CA LEU D 43 6.45 -25.03 -42.09
C LEU D 43 5.13 -24.29 -42.23
N THR D 44 4.94 -23.28 -41.39
CA THR D 44 3.78 -22.38 -41.45
C THR D 44 3.47 -21.96 -42.90
N ASP D 45 4.50 -21.65 -43.67
CA ASP D 45 4.32 -21.19 -45.05
C ASP D 45 3.70 -22.22 -45.97
N TYR D 46 3.89 -23.50 -45.64
CA TYR D 46 3.23 -24.59 -46.35
C TYR D 46 1.81 -24.78 -45.83
N LEU D 47 1.66 -24.74 -44.51
CA LEU D 47 0.40 -25.07 -43.87
C LEU D 47 -0.69 -24.03 -44.12
N LEU D 48 -0.31 -22.79 -44.30
CA LEU D 48 -1.32 -21.73 -44.31
C LEU D 48 -2.26 -21.81 -45.53
N THR D 49 -1.78 -22.39 -46.63
CA THR D 49 -2.65 -22.58 -47.80
C THR D 49 -3.55 -23.82 -47.68
N GLU D 50 -3.38 -24.60 -46.62
CA GLU D 50 -3.99 -25.92 -46.54
C GLU D 50 -5.06 -26.10 -45.47
N CYS D 51 -5.22 -25.11 -44.59
CA CYS D 51 -6.18 -25.27 -43.50
C CYS D 51 -7.09 -24.04 -43.31
N ASP D 52 -8.12 -24.20 -42.49
CA ASP D 52 -9.06 -23.10 -42.23
C ASP D 52 -8.39 -22.01 -41.38
N ASN D 53 -7.83 -22.40 -40.24
CA ASN D 53 -7.14 -21.46 -39.35
C ASN D 53 -5.87 -22.08 -38.78
N LEU D 54 -4.85 -21.25 -38.62
CA LEU D 54 -3.58 -21.71 -38.08
C LEU D 54 -3.17 -20.75 -36.99
N ALA D 55 -3.14 -21.24 -35.76
CA ALA D 55 -2.66 -20.44 -34.64
C ALA D 55 -1.22 -20.85 -34.32
N LEU D 56 -0.34 -19.86 -34.15
CA LEU D 56 1.03 -20.10 -33.73
C LEU D 56 1.19 -19.74 -32.26
N VAL D 57 1.85 -20.62 -31.49
CA VAL D 57 2.15 -20.35 -30.09
C VAL D 57 3.66 -20.32 -29.86
N GLU D 58 4.15 -19.21 -29.30
CA GLU D 58 5.58 -18.97 -29.17
C GLU D 58 5.83 -18.00 -28.02
N ILE D 59 6.74 -18.37 -27.12
CA ILE D 59 7.04 -17.58 -25.93
C ILE D 59 8.03 -16.44 -26.19
N ASP D 60 8.92 -16.60 -27.18
CA ASP D 60 9.98 -15.63 -27.41
C ASP D 60 9.49 -14.32 -28.05
N ARG D 61 9.71 -13.21 -27.37
CA ARG D 61 9.19 -11.94 -27.82
C ARG D 61 9.71 -11.54 -29.20
N ASP D 62 10.98 -11.82 -29.45
CA ASP D 62 11.58 -11.46 -30.73
C ASP D 62 10.99 -12.30 -31.86
N LEU D 63 10.90 -13.60 -31.65
CA LEU D 63 10.31 -14.46 -32.67
C LEU D 63 8.88 -14.04 -33.01
N VAL D 64 8.10 -13.75 -31.97
CA VAL D 64 6.73 -13.28 -32.14
C VAL D 64 6.65 -11.97 -32.91
N ALA D 65 7.57 -11.05 -32.63
CA ALA D 65 7.58 -9.77 -33.34
C ALA D 65 7.84 -10.01 -34.82
N PHE D 66 8.77 -10.90 -35.13
CA PHE D 66 9.09 -11.19 -36.51
C PHE D 66 7.88 -11.84 -37.20
N LEU D 67 7.27 -12.79 -36.51
CA LEU D 67 6.11 -13.50 -37.03
C LEU D 67 4.97 -12.53 -37.30
N GLN D 68 4.78 -11.57 -36.40
CA GLN D 68 3.71 -10.60 -36.56
C GLN D 68 3.94 -9.74 -37.80
N LYS D 69 5.19 -9.35 -38.04
CA LYS D 69 5.54 -8.57 -39.21
C LYS D 69 5.28 -9.39 -40.45
N LYS D 70 5.62 -10.67 -40.38
CA LYS D 70 5.53 -11.54 -41.53
C LYS D 70 4.09 -11.84 -41.94
N TYR D 71 3.21 -11.98 -40.95
CA TYR D 71 1.87 -12.52 -41.19
C TYR D 71 0.68 -11.60 -40.85
N ASN D 72 0.92 -10.32 -40.62
CA ASN D 72 -0.18 -9.45 -40.23
C ASN D 72 -1.22 -9.21 -41.34
N GLN D 73 -0.86 -9.57 -42.57
CA GLN D 73 -1.78 -9.50 -43.71
C GLN D 73 -2.39 -10.86 -44.04
N GLN D 74 -2.00 -11.89 -43.30
CA GLN D 74 -2.49 -13.24 -43.58
C GLN D 74 -3.72 -13.53 -42.74
N LYS D 75 -4.88 -13.57 -43.38
CA LYS D 75 -6.17 -13.72 -42.67
C LYS D 75 -6.25 -14.93 -41.78
N ASN D 76 -5.75 -16.06 -42.23
CA ASN D 76 -5.94 -17.29 -41.47
C ASN D 76 -4.80 -17.65 -40.52
N ILE D 77 -3.92 -16.69 -40.24
CA ILE D 77 -2.90 -16.84 -39.21
C ILE D 77 -3.24 -16.00 -37.99
N THR D 78 -3.14 -16.61 -36.81
CA THR D 78 -3.29 -15.93 -35.54
C THR D 78 -2.07 -16.29 -34.69
N ILE D 79 -1.50 -15.30 -34.01
CA ILE D 79 -0.23 -15.47 -33.30
C ILE D 79 -0.39 -15.20 -31.80
N TYR D 80 -0.05 -16.20 -31.00
CA TYR D 80 -0.07 -16.08 -29.54
C TYR D 80 1.35 -16.02 -28.94
N GLN D 81 1.66 -14.91 -28.28
CA GLN D 81 2.86 -14.87 -27.46
C GLN D 81 2.52 -15.39 -26.06
N ASN D 82 2.66 -16.70 -25.90
CA ASN D 82 2.31 -17.35 -24.65
C ASN D 82 3.24 -18.51 -24.36
N ASP D 83 3.22 -18.97 -23.12
CA ASP D 83 3.98 -20.14 -22.71
C ASP D 83 3.17 -21.39 -23.05
N ALA D 84 3.63 -22.16 -24.03
CA ALA D 84 2.89 -23.34 -24.49
C ALA D 84 2.60 -24.33 -23.36
N LEU D 85 3.44 -24.30 -22.33
CA LEU D 85 3.30 -25.20 -21.18
C LEU D 85 2.14 -24.82 -20.30
N GLN D 86 1.64 -23.60 -20.47
CA GLN D 86 0.53 -23.13 -19.67
C GLN D 86 -0.68 -22.83 -20.52
N PHE D 87 -0.53 -22.96 -21.83
CA PHE D 87 -1.58 -22.54 -22.77
C PHE D 87 -2.86 -23.34 -22.59
N ASP D 88 -3.98 -22.63 -22.54
CA ASP D 88 -5.28 -23.28 -22.49
C ASP D 88 -5.77 -23.49 -23.91
N PHE D 89 -5.62 -24.71 -24.43
CA PHE D 89 -5.95 -24.96 -25.83
C PHE D 89 -7.46 -24.88 -26.11
N SER D 90 -8.25 -24.95 -25.04
CA SER D 90 -9.70 -24.77 -25.20
C SER D 90 -10.07 -23.30 -25.47
N SER D 91 -9.11 -22.39 -25.25
CA SER D 91 -9.34 -20.97 -25.54
C SER D 91 -9.27 -20.66 -27.04
N VAL D 92 -8.85 -21.63 -27.83
CA VAL D 92 -8.95 -21.51 -29.27
C VAL D 92 -10.32 -22.04 -29.64
N LYS D 93 -11.30 -21.11 -29.69
CA LYS D 93 -12.70 -21.47 -29.84
C LYS D 93 -13.05 -21.92 -31.25
N THR D 94 -13.32 -23.22 -31.40
CA THR D 94 -13.77 -23.74 -32.68
C THR D 94 -14.72 -24.92 -32.42
N ASP D 95 -15.41 -25.38 -33.45
CA ASP D 95 -16.38 -26.46 -33.26
C ASP D 95 -15.71 -27.81 -33.05
N LYS D 96 -14.51 -27.98 -33.59
CA LYS D 96 -13.86 -29.29 -33.65
C LYS D 96 -12.54 -29.33 -32.86
N PRO D 97 -12.16 -30.52 -32.39
CA PRO D 97 -10.81 -30.74 -31.82
C PRO D 97 -9.71 -30.21 -32.75
N LEU D 98 -8.65 -29.68 -32.15
CA LEU D 98 -7.57 -29.01 -32.90
C LEU D 98 -6.51 -30.00 -33.39
N ARG D 99 -5.88 -29.71 -34.52
CA ARG D 99 -4.73 -30.51 -34.94
C ARG D 99 -3.43 -29.81 -34.53
N VAL D 100 -2.71 -30.38 -33.57
CA VAL D 100 -1.52 -29.73 -33.04
C VAL D 100 -0.28 -30.22 -33.78
N VAL D 101 0.61 -29.29 -34.10
CA VAL D 101 1.86 -29.62 -34.75
C VAL D 101 2.96 -28.77 -34.14
N GLY D 102 4.21 -29.14 -34.38
CA GLY D 102 5.30 -28.34 -33.84
C GLY D 102 6.68 -28.95 -33.83
N ASN D 103 7.62 -28.16 -33.31
CA ASN D 103 9.03 -28.51 -33.26
C ASN D 103 9.52 -28.20 -31.84
N LEU D 104 9.77 -29.24 -31.05
CA LEU D 104 10.06 -29.06 -29.62
C LEU D 104 11.47 -29.46 -29.20
N PRO D 105 12.11 -28.64 -28.35
CA PRO D 105 13.38 -29.01 -27.70
C PRO D 105 13.18 -30.22 -26.80
N TYR D 106 14.26 -30.96 -26.54
CA TYR D 106 14.20 -32.12 -25.67
C TYR D 106 13.63 -31.73 -24.31
N ASN D 107 14.08 -30.60 -23.77
CA ASN D 107 13.85 -30.32 -22.35
C ASN D 107 12.40 -29.99 -22.02
N ILE D 108 11.64 -29.66 -23.06
CA ILE D 108 10.25 -29.26 -22.91
C ILE D 108 9.30 -30.34 -23.43
N SER D 109 9.87 -31.39 -24.02
CA SER D 109 9.09 -32.42 -24.72
C SER D 109 8.12 -33.15 -23.81
N THR D 110 8.61 -33.72 -22.73
CA THR D 110 7.74 -34.45 -21.81
C THR D 110 6.70 -33.54 -21.15
N PRO D 111 7.13 -32.40 -20.57
CA PRO D 111 6.12 -31.54 -19.92
C PRO D 111 5.10 -30.98 -20.91
N LEU D 112 5.50 -30.65 -22.14
CA LEU D 112 4.52 -30.17 -23.10
C LEU D 112 3.53 -31.28 -23.51
N LEU D 113 4.03 -32.49 -23.76
CA LEU D 113 3.14 -33.61 -24.07
C LEU D 113 2.15 -33.90 -22.95
N PHE D 114 2.65 -33.93 -21.71
CA PHE D 114 1.81 -34.23 -20.57
C PHE D 114 0.75 -33.15 -20.44
N HIS D 115 1.12 -31.91 -20.72
CA HIS D 115 0.17 -30.81 -20.66
C HIS D 115 -0.93 -30.99 -21.71
N LEU D 116 -0.54 -31.35 -22.92
CA LEU D 116 -1.52 -31.59 -23.98
C LEU D 116 -2.44 -32.74 -23.58
N PHE D 117 -1.86 -33.78 -22.98
CA PHE D 117 -2.62 -34.93 -22.55
C PHE D 117 -3.69 -34.52 -21.52
N SER D 118 -3.35 -33.56 -20.65
CA SER D 118 -4.27 -33.08 -19.62
C SER D 118 -5.47 -32.36 -20.24
N GLN D 119 -5.35 -32.02 -21.52
CA GLN D 119 -6.40 -31.32 -22.24
C GLN D 119 -6.84 -32.06 -23.48
N ILE D 120 -6.73 -33.39 -23.46
CA ILE D 120 -6.72 -34.16 -24.70
C ILE D 120 -8.04 -34.15 -25.48
N HIS D 121 -9.15 -33.88 -24.79
CA HIS D 121 -10.44 -33.68 -25.46
C HIS D 121 -10.41 -32.53 -26.47
N CYS D 122 -9.46 -31.61 -26.33
CA CYS D 122 -9.30 -30.47 -27.26
C CYS D 122 -8.60 -30.82 -28.57
N ILE D 123 -8.09 -32.06 -28.67
CA ILE D 123 -7.09 -32.39 -29.68
C ILE D 123 -7.46 -33.57 -30.57
N GLU D 124 -7.45 -33.35 -31.87
CA GLU D 124 -7.72 -34.41 -32.83
C GLU D 124 -6.50 -35.33 -33.00
N ASP D 125 -5.35 -34.72 -33.24
CA ASP D 125 -4.08 -35.45 -33.31
C ASP D 125 -2.88 -34.52 -33.12
N MSE D 126 -1.70 -35.13 -33.05
CA MSE D 126 -0.45 -34.37 -32.91
C MSE D 126 0.63 -34.89 -33.88
O MSE D 126 0.81 -36.09 -34.02
CB MSE D 126 0.06 -34.47 -31.47
CG MSE D 126 -0.78 -33.70 -30.47
SE MSE D 126 -0.62 -34.47 -28.71
CE MSE D 126 -1.87 -35.97 -28.88
N HIS D 127 1.31 -33.96 -34.55
CA HIS D 127 2.51 -34.29 -35.31
C HIS D 127 3.65 -33.39 -34.84
N PHE D 128 4.69 -33.98 -34.25
CA PHE D 128 5.83 -33.22 -33.73
C PHE D 128 7.18 -33.65 -34.30
N MSE D 129 8.03 -32.66 -34.57
CA MSE D 129 9.47 -32.91 -34.69
C MSE D 129 10.08 -32.91 -33.30
O MSE D 129 9.99 -31.92 -32.57
CB MSE D 129 10.15 -31.81 -35.52
CG MSE D 129 11.64 -32.05 -35.69
SE MSE D 129 11.97 -33.40 -37.05
CE MSE D 129 11.61 -32.28 -38.59
N LEU D 130 10.71 -34.03 -32.93
CA LEU D 130 11.37 -34.17 -31.63
C LEU D 130 12.76 -34.76 -31.85
N GLN D 131 13.60 -34.70 -30.82
CA GLN D 131 14.86 -35.45 -30.88
C GLN D 131 14.49 -36.93 -31.00
N LYS D 132 15.22 -37.64 -31.86
CA LYS D 132 14.89 -39.03 -32.16
C LYS D 132 14.76 -39.87 -30.89
N GLU D 133 15.60 -39.56 -29.90
CA GLU D 133 15.60 -40.31 -28.64
C GLU D 133 14.23 -40.23 -27.96
N VAL D 134 13.61 -39.07 -28.01
CA VAL D 134 12.33 -38.91 -27.35
C VAL D 134 11.30 -39.76 -28.06
N VAL D 135 11.39 -39.78 -29.39
CA VAL D 135 10.45 -40.55 -30.21
C VAL D 135 10.56 -42.05 -29.93
N ARG D 136 11.78 -42.54 -29.82
CA ARG D 136 12.03 -43.93 -29.44
C ARG D 136 11.43 -44.25 -28.06
N ARG D 137 11.52 -43.29 -27.12
CA ARG D 137 10.95 -43.50 -25.80
C ARG D 137 9.41 -43.54 -25.83
N ILE D 138 8.79 -42.60 -26.54
CA ILE D 138 7.33 -42.59 -26.65
C ILE D 138 6.80 -43.89 -27.26
N THR D 139 7.51 -44.43 -28.25
CA THR D 139 7.03 -45.59 -28.98
C THR D 139 7.69 -46.88 -28.53
N ALA D 140 8.29 -46.86 -27.35
CA ALA D 140 9.07 -48.00 -26.85
C ALA D 140 8.21 -49.25 -26.64
N GLU D 141 8.78 -50.40 -26.97
CA GLU D 141 8.16 -51.68 -26.66
C GLU D 141 8.25 -51.94 -25.16
N VAL D 142 7.23 -52.57 -24.61
CA VAL D 142 7.27 -52.99 -23.21
C VAL D 142 8.57 -53.76 -22.93
N GLY D 143 9.22 -53.45 -21.81
CA GLY D 143 10.41 -54.18 -21.41
C GLY D 143 11.72 -53.61 -21.93
N SER D 144 11.63 -52.67 -22.86
CA SER D 144 12.81 -52.07 -23.45
C SER D 144 13.48 -51.05 -22.53
N HIS D 145 14.75 -50.78 -22.78
CA HIS D 145 15.46 -49.75 -22.00
C HIS D 145 14.87 -48.36 -22.27
N ASP D 146 14.18 -48.19 -23.39
CA ASP D 146 13.52 -46.92 -23.71
C ASP D 146 12.13 -46.81 -23.10
N TYR D 147 11.64 -47.90 -22.55
CA TYR D 147 10.27 -47.96 -22.06
C TYR D 147 10.21 -47.48 -20.60
N GLY D 148 9.53 -46.36 -20.38
CA GLY D 148 9.46 -45.77 -19.06
C GLY D 148 8.21 -44.95 -18.87
N ARG D 149 8.27 -43.99 -17.95
CA ARG D 149 7.10 -43.16 -17.61
C ARG D 149 6.50 -42.46 -18.83
N LEU D 150 7.36 -41.93 -19.70
CA LEU D 150 6.87 -41.24 -20.89
C LEU D 150 6.14 -42.21 -21.82
N SER D 151 6.79 -43.34 -22.06
CA SER D 151 6.20 -44.43 -22.83
C SER D 151 4.80 -44.76 -22.34
N VAL D 152 4.72 -45.05 -21.05
CA VAL D 152 3.48 -45.53 -20.45
C VAL D 152 2.36 -44.49 -20.53
N MSE D 153 2.66 -43.23 -20.20
CA MSE D 153 1.62 -42.20 -20.26
C MSE D 153 1.20 -41.87 -21.68
O MSE D 153 0.01 -41.70 -21.95
CB MSE D 153 2.02 -40.93 -19.50
CG MSE D 153 2.32 -41.18 -18.03
SE MSE D 153 0.91 -42.05 -16.98
CE MSE D 153 0.52 -43.68 -17.99
N ALA D 154 2.16 -41.80 -22.59
CA ALA D 154 1.84 -41.43 -23.96
C ALA D 154 1.05 -42.55 -24.65
N GLN D 155 1.37 -43.79 -24.31
CA GLN D 155 0.72 -44.93 -24.92
C GLN D 155 -0.62 -45.21 -24.26
N TYR D 156 -0.79 -44.74 -23.01
CA TYR D 156 -2.13 -44.73 -22.44
C TYR D 156 -3.03 -43.75 -23.18
N PHE D 157 -2.55 -42.53 -23.40
CA PHE D 157 -3.39 -41.50 -24.02
C PHE D 157 -3.54 -41.65 -25.53
N CYS D 158 -2.48 -42.09 -26.20
CA CYS D 158 -2.44 -42.08 -27.67
C CYS D 158 -1.90 -43.36 -28.29
N ASP D 159 -2.28 -43.57 -29.55
CA ASP D 159 -1.54 -44.47 -30.44
C ASP D 159 -0.47 -43.66 -31.12
N ASN D 160 0.77 -44.07 -30.92
CA ASN D 160 1.93 -43.31 -31.36
C ASN D 160 2.70 -44.01 -32.46
N THR D 161 3.17 -43.22 -33.42
CA THR D 161 3.85 -43.74 -34.59
C THR D 161 5.06 -42.90 -35.01
N TYR D 162 6.23 -43.52 -35.02
CA TYR D 162 7.42 -42.91 -35.58
C TYR D 162 7.25 -42.87 -37.08
N LEU D 163 7.42 -41.71 -37.69
CA LEU D 163 7.21 -41.55 -39.13
C LEU D 163 8.49 -41.56 -39.95
N PHE D 164 9.46 -40.74 -39.57
CA PHE D 164 10.76 -40.75 -40.22
C PHE D 164 11.81 -39.95 -39.44
N THR D 165 13.06 -40.21 -39.77
CA THR D 165 14.21 -39.55 -39.13
C THR D 165 14.62 -38.32 -39.92
N VAL D 166 15.15 -37.33 -39.23
CA VAL D 166 15.61 -36.11 -39.89
C VAL D 166 17.04 -35.82 -39.44
N SER D 167 17.94 -35.64 -40.41
CA SER D 167 19.36 -35.39 -40.12
C SER D 167 19.59 -33.98 -39.60
N PRO D 168 20.69 -33.77 -38.88
CA PRO D 168 20.98 -32.41 -38.39
C PRO D 168 21.08 -31.39 -39.51
N GLN D 169 21.51 -31.81 -40.71
CA GLN D 169 21.74 -30.86 -41.80
C GLN D 169 20.48 -30.18 -42.32
N ALA D 170 19.33 -30.61 -41.83
CA ALA D 170 18.06 -30.04 -42.24
C ALA D 170 17.73 -28.76 -41.47
N PHE D 171 18.47 -28.50 -40.39
CA PHE D 171 18.18 -27.38 -39.50
C PHE D 171 19.27 -26.31 -39.50
N THR D 172 18.87 -25.08 -39.15
CA THR D 172 19.80 -23.97 -38.93
C THR D 172 19.57 -23.39 -37.53
N PRO D 173 20.60 -23.45 -36.67
CA PRO D 173 21.80 -24.23 -36.87
C PRO D 173 21.45 -25.70 -36.65
N PRO D 174 22.37 -26.60 -37.00
CA PRO D 174 22.12 -28.03 -36.84
C PRO D 174 22.22 -28.50 -35.40
N PRO D 175 21.28 -29.35 -34.96
CA PRO D 175 21.39 -30.01 -33.66
C PRO D 175 22.55 -31.02 -33.66
N ARG D 176 22.84 -31.61 -32.50
CA ARG D 176 23.97 -32.52 -32.38
C ARG D 176 23.55 -33.94 -32.68
N VAL D 177 22.24 -34.16 -32.74
CA VAL D 177 21.69 -35.51 -32.83
C VAL D 177 20.59 -35.64 -33.88
N GLU D 178 20.19 -36.87 -34.16
CA GLU D 178 19.07 -37.09 -35.09
C GLU D 178 17.77 -36.64 -34.46
N SER D 179 16.87 -36.15 -35.32
CA SER D 179 15.53 -35.79 -34.93
C SER D 179 14.57 -36.73 -35.64
N ALA D 180 13.28 -36.65 -35.30
CA ALA D 180 12.30 -37.50 -35.94
C ALA D 180 10.91 -36.89 -35.84
N ILE D 181 10.06 -37.24 -36.80
CA ILE D 181 8.65 -36.90 -36.74
C ILE D 181 7.86 -38.04 -36.14
N ILE D 182 6.97 -37.69 -35.22
CA ILE D 182 6.11 -38.66 -34.58
C ILE D 182 4.66 -38.20 -34.69
N ARG D 183 3.78 -39.18 -34.85
CA ARG D 183 2.34 -38.96 -34.86
C ARG D 183 1.74 -39.50 -33.57
N LEU D 184 0.94 -38.68 -32.91
CA LEU D 184 0.20 -39.12 -31.73
C LEU D 184 -1.27 -38.90 -31.95
N ILE D 185 -2.06 -39.96 -31.80
CA ILE D 185 -3.51 -39.91 -32.01
C ILE D 185 -4.20 -40.36 -30.74
N PRO D 186 -4.95 -39.45 -30.10
CA PRO D 186 -5.68 -39.84 -28.89
C PRO D 186 -6.50 -41.09 -29.12
N ARG D 187 -6.44 -42.01 -28.16
CA ARG D 187 -7.17 -43.27 -28.23
C ARG D 187 -8.61 -43.06 -27.82
N HIS D 188 -9.48 -43.91 -28.37
CA HIS D 188 -10.86 -44.02 -27.92
C HIS D 188 -11.21 -45.51 -27.89
N ASN D 189 -12.34 -45.83 -27.28
CA ASN D 189 -12.96 -47.16 -27.42
C ASN D 189 -12.20 -48.32 -26.75
N PHE D 190 -11.29 -48.01 -25.83
CA PHE D 190 -10.51 -49.04 -25.17
C PHE D 190 -11.02 -49.36 -23.75
N THR D 191 -10.66 -50.54 -23.26
CA THR D 191 -10.98 -50.98 -21.90
C THR D 191 -9.79 -51.82 -21.45
N PRO D 192 -9.42 -51.73 -20.16
CA PRO D 192 -10.01 -50.87 -19.13
C PRO D 192 -9.57 -49.42 -19.22
N VAL D 193 -10.39 -48.54 -18.66
CA VAL D 193 -10.07 -47.12 -18.60
C VAL D 193 -9.53 -46.84 -17.21
N ALA D 194 -8.57 -45.93 -17.10
CA ALA D 194 -8.15 -45.48 -15.78
C ALA D 194 -9.21 -44.53 -15.26
N LYS D 195 -9.88 -44.93 -14.17
CA LYS D 195 -10.96 -44.14 -13.61
C LYS D 195 -10.47 -42.79 -13.06
N ASN D 196 -9.21 -42.73 -12.66
CA ASN D 196 -8.66 -41.50 -12.11
C ASN D 196 -7.30 -41.23 -12.69
N LEU D 197 -7.20 -40.20 -13.52
CA LEU D 197 -5.97 -39.98 -14.28
C LEU D 197 -4.83 -39.47 -13.40
N ASP D 198 -5.17 -38.76 -12.33
CA ASP D 198 -4.15 -38.32 -11.39
C ASP D 198 -3.56 -39.52 -10.65
N GLN D 199 -4.41 -40.48 -10.31
CA GLN D 199 -3.93 -41.69 -9.66
C GLN D 199 -3.00 -42.45 -10.60
N LEU D 200 -3.34 -42.50 -11.89
CA LEU D 200 -2.52 -43.20 -12.87
C LEU D 200 -1.16 -42.53 -12.99
N SER D 201 -1.15 -41.21 -13.12
CA SER D 201 0.10 -40.47 -13.24
C SER D 201 0.99 -40.73 -12.01
N HIS D 202 0.39 -40.73 -10.83
CA HIS D 202 1.12 -40.97 -9.59
C HIS D 202 1.70 -42.38 -9.56
N VAL D 203 0.88 -43.37 -9.87
CA VAL D 203 1.35 -44.74 -9.93
C VAL D 203 2.56 -44.88 -10.84
N VAL D 204 2.46 -44.33 -12.05
CA VAL D 204 3.49 -44.52 -13.06
C VAL D 204 4.77 -43.76 -12.69
N LYS D 205 4.61 -42.53 -12.18
CA LYS D 205 5.75 -41.76 -11.73
C LYS D 205 6.49 -42.49 -10.59
N GLU D 206 5.73 -42.98 -9.61
CA GLU D 206 6.33 -43.73 -8.50
C GLU D 206 7.04 -44.97 -9.02
N ALA D 207 6.35 -45.75 -9.83
CA ALA D 207 6.92 -46.97 -10.41
C ALA D 207 8.27 -46.76 -11.07
N PHE D 208 8.42 -45.68 -11.85
CA PHE D 208 9.64 -45.47 -12.60
C PHE D 208 10.65 -44.56 -11.90
N SER D 209 10.33 -44.18 -10.67
CA SER D 209 11.24 -43.33 -9.88
C SER D 209 12.60 -43.99 -9.75
N TYR D 210 12.58 -45.27 -9.37
CA TYR D 210 13.79 -46.07 -9.27
C TYR D 210 13.64 -47.27 -10.18
N ARG D 211 14.20 -47.15 -11.38
CA ARG D 211 14.01 -48.12 -12.45
C ARG D 211 14.40 -49.56 -12.06
N ARG D 212 15.38 -49.70 -11.17
CA ARG D 212 15.88 -51.03 -10.83
C ARG D 212 15.16 -51.70 -9.66
N LYS D 213 14.18 -51.02 -9.07
CA LYS D 213 13.39 -51.70 -8.05
C LYS D 213 12.42 -52.67 -8.71
N THR D 214 12.03 -53.71 -8.00
CA THR D 214 10.91 -54.52 -8.46
C THR D 214 9.70 -53.61 -8.31
N VAL D 215 8.66 -53.87 -9.10
CA VAL D 215 7.46 -53.04 -8.99
C VAL D 215 6.83 -53.22 -7.61
N GLY D 216 6.97 -54.41 -7.03
CA GLY D 216 6.47 -54.66 -5.69
C GLY D 216 7.11 -53.71 -4.68
N ASN D 217 8.41 -53.55 -4.81
CA ASN D 217 9.14 -52.65 -3.92
C ASN D 217 8.85 -51.19 -4.25
N ALA D 218 8.89 -50.84 -5.54
CA ALA D 218 8.62 -49.47 -5.97
C ALA D 218 7.28 -48.97 -5.44
N LEU D 219 6.28 -49.85 -5.46
CA LEU D 219 4.92 -49.45 -5.09
C LEU D 219 4.50 -50.01 -3.73
N LYS D 220 5.47 -50.31 -2.87
CA LYS D 220 5.15 -50.90 -1.58
C LYS D 220 4.24 -50.01 -0.72
N LYS D 221 4.27 -48.70 -0.97
CA LYS D 221 3.41 -47.80 -0.20
C LYS D 221 1.99 -47.71 -0.78
N LEU D 222 1.78 -48.32 -1.92
CA LEU D 222 0.50 -48.22 -2.63
C LEU D 222 -0.19 -49.57 -2.73
N ILE D 223 0.59 -50.60 -2.98
CA ILE D 223 0.05 -51.94 -3.15
C ILE D 223 0.70 -52.90 -2.16
N ASN D 224 -0.13 -53.60 -1.39
CA ASN D 224 0.37 -54.58 -0.44
C ASN D 224 0.48 -55.98 -1.08
N PRO D 225 1.27 -56.85 -0.47
CA PRO D 225 1.59 -58.13 -1.11
C PRO D 225 0.37 -58.94 -1.55
N SER D 226 -0.72 -58.88 -0.78
CA SER D 226 -1.88 -59.70 -1.09
C SER D 226 -2.70 -59.18 -2.28
N GLN D 227 -2.38 -57.97 -2.76
CA GLN D 227 -3.12 -57.37 -3.87
C GLN D 227 -2.55 -57.74 -5.25
N TRP D 228 -1.27 -58.06 -5.31
CA TRP D 228 -0.66 -58.35 -6.61
C TRP D 228 -1.35 -59.49 -7.37
N PRO D 229 -1.72 -60.57 -6.68
CA PRO D 229 -2.44 -61.66 -7.36
C PRO D 229 -3.82 -61.24 -7.90
N LEU D 230 -4.44 -60.27 -7.23
CA LEU D 230 -5.74 -59.75 -7.67
C LEU D 230 -5.60 -59.03 -9.01
N LEU D 231 -4.43 -58.44 -9.22
CA LEU D 231 -4.12 -57.70 -10.45
C LEU D 231 -3.50 -58.60 -11.52
N GLU D 232 -3.19 -59.84 -11.15
CA GLU D 232 -2.49 -60.77 -12.04
C GLU D 232 -1.19 -60.15 -12.55
N ILE D 233 -0.51 -59.45 -11.66
CA ILE D 233 0.81 -58.91 -11.94
C ILE D 233 1.84 -59.57 -11.03
N ASN D 234 2.98 -59.95 -11.62
CA ASN D 234 4.10 -60.50 -10.87
C ASN D 234 4.92 -59.38 -10.22
N PRO D 235 4.83 -59.23 -8.89
CA PRO D 235 5.48 -58.08 -8.25
C PRO D 235 7.01 -58.15 -8.29
N GLN D 236 7.58 -59.28 -8.72
CA GLN D 236 9.04 -59.42 -8.81
C GLN D 236 9.60 -58.82 -10.08
N LEU D 237 8.73 -58.52 -11.03
CA LEU D 237 9.16 -57.83 -12.25
C LEU D 237 9.51 -56.36 -11.97
N ARG D 238 10.50 -55.85 -12.69
CA ARG D 238 10.77 -54.42 -12.68
C ARG D 238 9.65 -53.71 -13.45
N PRO D 239 9.41 -52.43 -13.13
CA PRO D 239 8.28 -51.72 -13.74
C PRO D 239 8.35 -51.67 -15.26
N GLN D 240 9.54 -51.67 -15.86
CA GLN D 240 9.65 -51.60 -17.31
C GLN D 240 9.07 -52.83 -18.00
N GLU D 241 8.77 -53.86 -17.21
CA GLU D 241 8.24 -55.13 -17.73
C GLU D 241 6.71 -55.14 -17.72
N LEU D 242 6.10 -54.14 -17.11
CA LEU D 242 4.64 -54.06 -17.05
C LEU D 242 4.04 -53.35 -18.27
N THR D 243 2.89 -53.85 -18.73
CA THR D 243 2.17 -53.24 -19.84
C THR D 243 1.43 -51.99 -19.36
N VAL D 244 1.00 -51.17 -20.31
CA VAL D 244 0.16 -50.03 -19.99
C VAL D 244 -1.09 -50.43 -19.20
N GLU D 245 -1.77 -51.49 -19.63
CA GLU D 245 -2.96 -51.87 -18.88
C GLU D 245 -2.65 -52.39 -17.48
N ASP D 246 -1.48 -53.00 -17.30
CA ASP D 246 -1.06 -53.36 -15.94
C ASP D 246 -1.09 -52.12 -15.06
N PHE D 247 -0.51 -51.03 -15.58
CA PHE D 247 -0.49 -49.80 -14.79
C PHE D 247 -1.89 -49.24 -14.58
N VAL D 248 -2.75 -49.44 -15.56
CA VAL D 248 -4.14 -49.01 -15.43
C VAL D 248 -4.82 -49.83 -14.33
N LYS D 249 -4.52 -51.13 -14.30
CA LYS D 249 -5.11 -51.99 -13.28
C LYS D 249 -4.66 -51.58 -11.87
N ILE D 250 -3.39 -51.24 -11.74
CA ILE D 250 -2.86 -50.77 -10.46
C ILE D 250 -3.62 -49.53 -10.03
N SER D 251 -3.74 -48.59 -10.97
CA SER D 251 -4.40 -47.32 -10.73
C SER D 251 -5.82 -47.54 -10.21
N ASN D 252 -6.55 -48.44 -10.88
CA ASN D 252 -7.95 -48.64 -10.55
C ASN D 252 -8.21 -49.32 -9.20
N ILE D 253 -7.30 -50.16 -8.74
CA ILE D 253 -7.54 -50.85 -7.47
C ILE D 253 -7.37 -49.88 -6.31
N LEU D 254 -6.78 -48.72 -6.58
CA LEU D 254 -6.51 -47.71 -5.56
C LEU D 254 -7.62 -46.65 -5.43
N ASN D 255 -8.45 -46.53 -6.47
CA ASN D 255 -9.48 -45.51 -6.48
C ASN D 255 -10.63 -45.85 -5.54
#